data_9LD0
#
_entry.id   9LD0
#
_cell.length_a   1.00
_cell.length_b   1.00
_cell.length_c   1.00
_cell.angle_alpha   90.00
_cell.angle_beta   90.00
_cell.angle_gamma   90.00
#
_symmetry.space_group_name_H-M   'P 1'
#
loop_
_entity.id
_entity.type
_entity.pdbx_description
1 polymer 'CC DNA substrate forward strand'
2 polymer 'CC DNA substrate reverse strand'
3 polymer 'Inactivate TOD6'
4 non-polymer 'ZINC ION'
#
loop_
_entity_poly.entity_id
_entity_poly.type
_entity_poly.pdbx_seq_one_letter_code
_entity_poly.pdbx_strand_id
1 'polydeoxyribonucleotide'
;(DT)(DG)(DT)(DC)(DA)(DG)(DG)(DA)(DT)(DA)(DC)(DT)(DC)(DC)(DT)(DC)(DA)(DA)(DT)(DC)
(DT)(DA)(DC)(DC)(DG)(DG)(DG)(DC)(DG)(DA)(DG)
;
B
2 'polydeoxyribonucleotide'
;(DC)(DT)(DC)(DG)(DC)(DC)(DC)(DG)(DG)(DT)(DA)(DG)(DA)(DT)(DT)(DG)(DA)(DG)(DG)(DA)
(DG)(DT)(DA)(DT)(DC)(DC)(DT)(DG)(DA)(DC)(DA)
;
C
3 'polypeptide(L)'
;MASSHHHHHHHHSGASVDLRTLGYSQQQQEKIKPKVRSTVAQHHEALVGHGFTHAHIVALSQHPAALGTVAVKYQDMIAA
LPEATHEAIVGVGKQWSGARALEALLTVAGELRGPPLQLDTGQLLKIAKRGGVTAVEAVHAWRNALTGAPLNLTPEQVVA
IASHDGGKQALETVQRLLPVLCQAHGLTPEQVVAIASNIGGKQALETVQRLLPVLCQAHGLTPEQVVAIASNNGGKQALE
TVQRLLPVLCQAHGLTPEQVVAIASNNGGKQALETVQRLLPVLCQAHGLTPEQVVAIASNIGGKQALETVQRLLPVLCQA
HGLTPEQVVAIASNGGGKQALETVQRLLPVLCQAHGLTPEQVVAIASNIGGKQALETVQRLLPVLCQAHGLTPEQVVAIA
SHDGGKQALETVQRLLPVLCQAHGLTPEQVVAIASNGGGKQALETVQRLLPVLCQAHGLTPEQVVAIASHDGGKQALETV
QRLLPVLCQAHGLTPEQVVAIASHDGGKQALETVQRLLPVLCQAHGLTPEQVVAIASNGGGKQALETVQRLLPVLCQAHG
LTPEQVVAIASHDGGKQALETVQRLLPVLCQAHGLTPEQVVAIASNIGGKQALETVQRLLPVLCQAHGLTPEQVVAIASN
IGGKQALETVQRLLPVLCQAHGLTPEQVVAIASNGGGRPALEALHAVLTDGPEEAKYEALMRLGGALAIRISDNSEKQIN
TAINLIKNHAKSKGVELSEEDIKKVEKILKENPGVVLLLTPSGKIHVFPSISWSLPEYDGTTTHGVLVLDDGTQIGFTSG
NGDPRYTNYRNNGHVAQKSALYMRENNISNATVYHNNTNGTCGYCNTMTATFLPEGATLTVVPPENAVANNSRAIDYVKT
YTGTSN
;
A
#
loop_
_chem_comp.id
_chem_comp.type
_chem_comp.name
_chem_comp.formula
DA DNA linking 2'-DEOXYADENOSINE-5'-MONOPHOSPHATE 'C10 H14 N5 O6 P'
DC DNA linking 2'-DEOXYCYTIDINE-5'-MONOPHOSPHATE 'C9 H14 N3 O7 P'
DG DNA linking 2'-DEOXYGUANOSINE-5'-MONOPHOSPHATE 'C10 H14 N5 O7 P'
DT DNA linking THYMIDINE-5'-MONOPHOSPHATE 'C10 H15 N2 O8 P'
ZN non-polymer 'ZINC ION' 'Zn 2'
#
# COMPACT_ATOMS: atom_id res chain seq x y z
N GLY C 51 3.85 -44.84 25.74
CA GLY C 51 4.60 -44.59 24.53
C GLY C 51 4.94 -43.13 24.32
N PHE C 52 5.65 -42.56 25.28
CA PHE C 52 6.06 -41.16 25.22
C PHE C 52 7.57 -41.06 25.11
N THR C 53 8.02 -40.09 24.30
CA THR C 53 9.45 -39.86 24.14
C THR C 53 10.01 -39.15 25.37
N HIS C 54 11.34 -39.09 25.44
CA HIS C 54 12.01 -38.43 26.56
C HIS C 54 11.67 -36.95 26.59
N ALA C 55 11.64 -36.29 25.42
CA ALA C 55 11.30 -34.87 25.38
C ALA C 55 9.87 -34.62 25.85
N HIS C 56 8.93 -35.48 25.44
CA HIS C 56 7.55 -35.34 25.87
C HIS C 56 7.42 -35.51 27.39
N ILE C 57 8.11 -36.50 27.94
CA ILE C 57 8.07 -36.72 29.39
C ILE C 57 8.67 -35.53 30.13
N VAL C 58 9.79 -35.01 29.63
CA VAL C 58 10.42 -33.85 30.26
C VAL C 58 9.50 -32.65 30.23
N ALA C 59 8.85 -32.41 29.09
CA ALA C 59 7.91 -31.29 28.99
C ALA C 59 6.72 -31.47 29.92
N LEU C 60 6.18 -32.69 30.01
CA LEU C 60 5.03 -32.93 30.87
C LEU C 60 5.39 -32.93 32.35
N SER C 61 6.67 -33.13 32.68
CA SER C 61 7.11 -33.16 34.07
C SER C 61 7.01 -31.81 34.78
N GLN C 62 6.49 -30.77 34.10
CA GLN C 62 6.29 -29.50 34.78
C GLN C 62 5.28 -29.64 35.92
N HIS C 63 4.22 -30.41 35.70
CA HIS C 63 3.29 -30.74 36.77
C HIS C 63 3.65 -32.11 37.32
N PRO C 64 4.14 -32.21 38.56
CA PRO C 64 4.59 -33.51 39.08
C PRO C 64 3.50 -34.55 39.14
N ALA C 65 2.25 -34.16 39.41
CA ALA C 65 1.17 -35.12 39.54
C ALA C 65 0.65 -35.64 38.20
N ALA C 66 0.98 -34.97 37.09
CA ALA C 66 0.49 -35.41 35.79
C ALA C 66 1.24 -36.61 35.25
N LEU C 67 2.44 -36.90 35.77
CA LEU C 67 3.20 -38.05 35.30
C LEU C 67 2.51 -39.36 35.62
N GLY C 68 2.00 -39.49 36.85
CA GLY C 68 1.40 -40.75 37.26
C GLY C 68 0.10 -41.05 36.55
N THR C 69 -0.75 -40.05 36.36
CA THR C 69 -2.10 -40.29 35.84
C THR C 69 -2.06 -40.64 34.35
N VAL C 70 -1.13 -40.06 33.59
CA VAL C 70 -1.11 -40.28 32.15
C VAL C 70 -0.67 -41.71 31.83
N ALA C 71 0.27 -42.26 32.61
CA ALA C 71 0.78 -43.59 32.31
C ALA C 71 -0.19 -44.68 32.73
N VAL C 72 -0.91 -44.47 33.84
CA VAL C 72 -1.80 -45.50 34.36
C VAL C 72 -2.95 -45.77 33.40
N LYS C 73 -3.58 -44.72 32.88
CA LYS C 73 -4.77 -44.84 32.04
C LYS C 73 -4.50 -44.34 30.63
N TYR C 74 -3.31 -44.62 30.10
CA TYR C 74 -2.92 -44.10 28.78
C TYR C 74 -3.88 -44.54 27.69
N GLN C 75 -4.34 -45.80 27.74
CA GLN C 75 -5.27 -46.28 26.74
C GLN C 75 -6.65 -45.63 26.88
N ASP C 76 -6.94 -45.06 28.04
CA ASP C 76 -8.30 -44.57 28.30
C ASP C 76 -8.61 -43.30 27.51
N MET C 77 -7.69 -42.34 27.44
CA MET C 77 -7.98 -41.12 26.69
C MET C 77 -8.08 -41.40 25.20
N ILE C 78 -7.32 -42.37 24.69
CA ILE C 78 -7.35 -42.67 23.27
C ILE C 78 -8.75 -43.11 22.84
N ALA C 79 -9.39 -43.99 23.63
CA ALA C 79 -10.75 -44.38 23.33
C ALA C 79 -11.73 -43.23 23.50
N ALA C 80 -11.57 -42.45 24.58
CA ALA C 80 -12.49 -41.35 24.85
C ALA C 80 -12.23 -40.17 23.92
N LEU C 81 -10.99 -39.94 23.53
CA LEU C 81 -10.61 -38.84 22.64
C LEU C 81 -9.91 -39.43 21.43
N PRO C 82 -10.67 -39.78 20.39
CA PRO C 82 -10.05 -40.38 19.20
C PRO C 82 -9.13 -39.40 18.49
N GLU C 83 -8.09 -39.96 17.86
CA GLU C 83 -7.10 -39.19 17.10
C GLU C 83 -6.43 -38.12 17.96
N ALA C 84 -6.08 -38.46 19.20
CA ALA C 84 -5.43 -37.54 20.12
C ALA C 84 -3.92 -37.73 20.00
N THR C 85 -3.26 -36.73 19.42
CA THR C 85 -1.82 -36.78 19.23
C THR C 85 -1.12 -36.48 20.55
N HIS C 86 0.13 -36.98 20.69
CA HIS C 86 0.87 -36.82 21.93
C HIS C 86 1.11 -35.35 22.27
N GLU C 87 1.24 -34.49 21.25
CA GLU C 87 1.46 -33.07 21.52
C GLU C 87 0.28 -32.45 22.24
N ALA C 88 -0.94 -32.80 21.82
CA ALA C 88 -2.12 -32.27 22.52
C ALA C 88 -2.17 -32.74 23.97
N ILE C 89 -1.86 -34.02 24.19
CA ILE C 89 -1.89 -34.56 25.55
C ILE C 89 -0.85 -33.88 26.43
N VAL C 90 0.37 -33.70 25.91
CA VAL C 90 1.41 -33.07 26.71
C VAL C 90 1.10 -31.59 26.93
N GLY C 91 0.45 -30.93 25.98
CA GLY C 91 0.04 -29.54 26.19
C GLY C 91 -1.03 -29.41 27.25
N VAL C 92 -2.01 -30.34 27.26
CA VAL C 92 -3.06 -30.30 28.26
C VAL C 92 -2.51 -30.62 29.64
N GLY C 93 -1.65 -31.64 29.73
CA GLY C 93 -1.15 -32.10 31.01
C GLY C 93 -0.04 -31.28 31.63
N LYS C 94 0.46 -30.27 30.93
CA LYS C 94 1.56 -29.44 31.45
C LYS C 94 1.08 -28.18 32.15
N GLN C 95 -0.24 -28.01 32.31
CA GLN C 95 -0.77 -26.82 32.94
C GLN C 95 -0.77 -26.96 34.46
N TRP C 96 -1.34 -25.96 35.13
CA TRP C 96 -1.40 -25.97 36.59
C TRP C 96 -2.26 -27.10 37.14
N SER C 97 -3.23 -27.59 36.36
CA SER C 97 -4.10 -28.69 36.75
C SER C 97 -4.19 -29.71 35.62
N GLY C 98 -3.03 -30.09 35.07
CA GLY C 98 -3.02 -31.01 33.94
C GLY C 98 -3.65 -32.36 34.28
N ALA C 99 -3.30 -32.90 35.44
CA ALA C 99 -3.88 -34.18 35.86
C ALA C 99 -5.38 -34.04 36.09
N ARG C 100 -5.79 -32.99 36.80
CA ARG C 100 -7.21 -32.79 37.07
C ARG C 100 -7.99 -32.54 35.79
N ALA C 101 -7.44 -31.72 34.89
CA ALA C 101 -8.11 -31.46 33.62
C ALA C 101 -8.23 -32.73 32.79
N LEU C 102 -7.16 -33.53 32.75
CA LEU C 102 -7.21 -34.78 31.99
C LEU C 102 -8.24 -35.74 32.56
N GLU C 103 -8.30 -35.87 33.89
CA GLU C 103 -9.30 -36.74 34.50
C GLU C 103 -10.71 -36.24 34.23
N ALA C 104 -10.92 -34.92 34.33
CA ALA C 104 -12.23 -34.36 34.06
C ALA C 104 -12.65 -34.60 32.61
N LEU C 105 -11.72 -34.40 31.67
CA LEU C 105 -12.03 -34.67 30.27
C LEU C 105 -12.36 -36.14 30.05
N LEU C 106 -11.57 -37.03 30.65
CA LEU C 106 -11.82 -38.46 30.49
C LEU C 106 -13.17 -38.86 31.05
N THR C 107 -13.59 -38.20 32.14
CA THR C 107 -14.88 -38.54 32.76
C THR C 107 -16.05 -37.96 31.97
N VAL C 108 -15.89 -36.76 31.42
CA VAL C 108 -17.02 -35.98 30.91
C VAL C 108 -17.16 -36.04 29.39
N ALA C 109 -16.13 -36.46 28.65
CA ALA C 109 -16.20 -36.42 27.19
C ALA C 109 -17.33 -37.27 26.63
N GLY C 110 -17.81 -38.25 27.40
CA GLY C 110 -18.96 -39.02 26.94
C GLY C 110 -20.20 -38.18 26.77
N GLU C 111 -20.43 -37.24 27.69
CA GLU C 111 -21.60 -36.37 27.64
C GLU C 111 -21.32 -35.02 26.99
N LEU C 112 -20.05 -34.62 26.91
CA LEU C 112 -19.70 -33.34 26.30
C LEU C 112 -19.90 -33.32 24.79
N ARG C 113 -20.11 -34.48 24.17
CA ARG C 113 -20.37 -34.57 22.74
C ARG C 113 -21.86 -34.66 22.42
N GLY C 114 -22.71 -34.19 23.32
CA GLY C 114 -24.14 -34.28 23.12
C GLY C 114 -24.65 -33.31 22.08
N PRO C 115 -25.90 -33.52 21.67
CA PRO C 115 -26.52 -32.64 20.66
C PRO C 115 -26.52 -31.18 21.08
N PRO C 116 -26.75 -30.85 22.37
CA PRO C 116 -26.69 -29.42 22.74
C PRO C 116 -25.35 -28.76 22.46
N LEU C 117 -24.25 -29.51 22.53
CA LEU C 117 -22.93 -28.95 22.30
C LEU C 117 -22.27 -29.45 21.02
N GLN C 118 -22.19 -30.77 20.82
CA GLN C 118 -21.54 -31.36 19.66
C GLN C 118 -20.11 -30.87 19.50
N LEU C 119 -19.39 -30.80 20.61
CA LEU C 119 -18.02 -30.29 20.60
C LEU C 119 -17.09 -31.30 19.94
N ASP C 120 -16.22 -30.80 19.07
CA ASP C 120 -15.25 -31.66 18.40
C ASP C 120 -14.12 -32.03 19.35
N THR C 121 -13.36 -33.06 18.98
CA THR C 121 -12.24 -33.50 19.81
C THR C 121 -11.19 -32.40 19.94
N GLY C 122 -10.88 -31.72 18.84
CA GLY C 122 -9.92 -30.63 18.91
C GLY C 122 -10.38 -29.50 19.83
N GLN C 123 -11.67 -29.17 19.77
CA GLN C 123 -12.20 -28.14 20.66
C GLN C 123 -12.09 -28.57 22.11
N LEU C 124 -12.38 -29.85 22.39
CA LEU C 124 -12.28 -30.35 23.76
C LEU C 124 -10.83 -30.27 24.26
N LEU C 125 -9.89 -30.67 23.41
CA LEU C 125 -8.48 -30.60 23.80
C LEU C 125 -8.05 -29.16 24.04
N LYS C 126 -8.48 -28.24 23.18
CA LYS C 126 -8.14 -26.83 23.35
C LYS C 126 -8.72 -26.27 24.65
N ILE C 127 -9.98 -26.63 24.95
CA ILE C 127 -10.60 -26.15 26.18
C ILE C 127 -9.87 -26.71 27.40
N ALA C 128 -9.51 -27.99 27.36
CA ALA C 128 -8.79 -28.59 28.48
C ALA C 128 -7.42 -27.94 28.66
N LYS C 129 -6.74 -27.64 27.56
CA LYS C 129 -5.41 -27.03 27.66
C LYS C 129 -5.49 -25.60 28.18
N ARG C 130 -6.44 -24.81 27.68
CA ARG C 130 -6.54 -23.40 28.06
C ARG C 130 -7.47 -23.19 29.25
N GLY C 131 -8.74 -23.59 29.13
CA GLY C 131 -9.69 -23.32 30.19
C GLY C 131 -9.39 -24.08 31.47
N GLY C 132 -9.02 -25.35 31.36
CA GLY C 132 -8.73 -26.17 32.51
C GLY C 132 -9.93 -26.96 32.98
N VAL C 133 -9.80 -27.51 34.19
CA VAL C 133 -10.86 -28.34 34.76
C VAL C 133 -12.07 -27.49 35.10
N THR C 134 -11.86 -26.25 35.57
CA THR C 134 -12.97 -25.40 35.96
C THR C 134 -13.86 -25.06 34.77
N ALA C 135 -13.25 -24.68 33.64
CA ALA C 135 -14.02 -24.35 32.45
C ALA C 135 -14.79 -25.56 31.94
N VAL C 136 -14.16 -26.74 31.94
CA VAL C 136 -14.83 -27.94 31.47
C VAL C 136 -16.02 -28.27 32.37
N GLU C 137 -15.84 -28.16 33.69
CA GLU C 137 -16.93 -28.43 34.61
C GLU C 137 -18.06 -27.42 34.43
N ALA C 138 -17.72 -26.15 34.23
CA ALA C 138 -18.74 -25.13 34.01
C ALA C 138 -19.52 -25.39 32.73
N VAL C 139 -18.83 -25.78 31.66
CA VAL C 139 -19.50 -26.09 30.40
C VAL C 139 -20.42 -27.29 30.56
N HIS C 140 -19.93 -28.35 31.20
CA HIS C 140 -20.74 -29.56 31.36
C HIS C 140 -21.96 -29.30 32.24
N ALA C 141 -21.80 -28.55 33.33
CA ALA C 141 -22.91 -28.32 34.23
C ALA C 141 -23.98 -27.42 33.61
N TRP C 142 -23.59 -26.57 32.65
CA TRP C 142 -24.53 -25.66 32.02
C TRP C 142 -24.63 -25.90 30.53
N ARG C 143 -24.70 -27.17 30.13
CA ARG C 143 -24.81 -27.49 28.71
C ARG C 143 -26.10 -26.94 28.11
N ASN C 144 -27.21 -27.06 28.84
CA ASN C 144 -28.49 -26.53 28.37
C ASN C 144 -28.70 -25.07 28.73
N ALA C 145 -27.87 -24.50 29.61
CA ALA C 145 -28.02 -23.09 29.95
C ALA C 145 -27.44 -22.19 28.86
N LEU C 146 -26.31 -22.58 28.27
CA LEU C 146 -25.69 -21.74 27.25
C LEU C 146 -26.45 -21.80 25.93
N THR C 147 -26.87 -22.98 25.50
CA THR C 147 -27.56 -23.17 24.24
C THR C 147 -29.04 -23.49 24.49
N GLY C 148 -29.87 -23.11 23.52
CA GLY C 148 -31.31 -23.27 23.69
C GLY C 148 -31.87 -22.41 24.79
N ALA C 149 -31.40 -21.17 24.90
CA ALA C 149 -31.80 -20.26 25.96
C ALA C 149 -31.93 -18.88 25.37
N PRO C 150 -32.62 -17.97 26.07
CA PRO C 150 -32.68 -16.57 25.58
C PRO C 150 -31.32 -15.93 25.40
N LEU C 151 -30.25 -16.52 25.92
CA LEU C 151 -28.91 -16.01 25.66
C LEU C 151 -28.57 -16.09 24.17
N ASN C 152 -28.97 -17.18 23.52
CA ASN C 152 -28.75 -17.40 22.09
C ASN C 152 -27.24 -17.37 21.77
N LEU C 153 -26.53 -18.32 22.36
CA LEU C 153 -25.09 -18.45 22.19
C LEU C 153 -24.77 -19.73 21.43
N THR C 154 -24.03 -19.58 20.33
CA THR C 154 -23.61 -20.73 19.54
C THR C 154 -22.51 -21.49 20.27
N PRO C 155 -22.35 -22.79 19.96
CA PRO C 155 -21.27 -23.55 20.61
C PRO C 155 -19.88 -22.98 20.36
N GLU C 156 -19.64 -22.38 19.19
CA GLU C 156 -18.33 -21.77 18.92
C GLU C 156 -18.05 -20.62 19.88
N GLN C 157 -19.03 -19.75 20.10
CA GLN C 157 -18.86 -18.65 21.05
C GLN C 157 -18.66 -19.17 22.46
N VAL C 158 -19.39 -20.23 22.83
CA VAL C 158 -19.24 -20.81 24.16
C VAL C 158 -17.83 -21.35 24.34
N VAL C 159 -17.30 -22.04 23.32
CA VAL C 159 -15.93 -22.54 23.39
C VAL C 159 -14.94 -21.38 23.49
N ALA C 160 -15.14 -20.33 22.69
CA ALA C 160 -14.22 -19.20 22.70
C ALA C 160 -14.19 -18.53 24.07
N ILE C 161 -15.37 -18.34 24.68
CA ILE C 161 -15.41 -17.75 26.02
C ILE C 161 -14.77 -18.68 27.05
N ALA C 162 -15.07 -19.97 26.95
CA ALA C 162 -14.57 -20.94 27.93
C ALA C 162 -13.07 -21.19 27.78
N SER C 163 -12.55 -21.20 26.55
CA SER C 163 -11.15 -21.50 26.31
C SER C 163 -10.27 -20.28 26.60
N HIS C 164 -10.33 -19.84 27.86
CA HIS C 164 -9.56 -18.71 28.32
C HIS C 164 -9.32 -18.84 29.81
N ASP C 165 -8.33 -18.10 30.31
CA ASP C 165 -8.05 -18.10 31.74
C ASP C 165 -9.25 -17.59 32.52
N GLY C 166 -9.64 -18.31 33.56
CA GLY C 166 -10.84 -17.99 34.30
C GLY C 166 -12.09 -18.16 33.47
N GLY C 167 -12.17 -19.26 32.73
CA GLY C 167 -13.31 -19.47 31.85
C GLY C 167 -14.63 -19.64 32.58
N LYS C 168 -14.60 -20.28 33.75
CA LYS C 168 -15.83 -20.48 34.50
C LYS C 168 -16.44 -19.15 34.96
N GLN C 169 -15.60 -18.26 35.50
CA GLN C 169 -16.09 -16.97 35.95
C GLN C 169 -16.65 -16.14 34.80
N ALA C 170 -15.94 -16.13 33.67
CA ALA C 170 -16.42 -15.39 32.50
C ALA C 170 -17.73 -15.97 31.98
N LEU C 171 -17.85 -17.30 31.94
CA LEU C 171 -19.08 -17.92 31.48
C LEU C 171 -20.24 -17.59 32.40
N GLU C 172 -20.02 -17.65 33.71
CA GLU C 172 -21.08 -17.30 34.66
C GLU C 172 -21.49 -15.84 34.52
N THR C 173 -20.50 -14.95 34.38
CA THR C 173 -20.80 -13.54 34.21
C THR C 173 -21.60 -13.29 32.93
N VAL C 174 -21.24 -13.96 31.84
CA VAL C 174 -21.99 -13.83 30.60
C VAL C 174 -23.43 -14.32 30.79
N GLN C 175 -23.58 -15.51 31.37
CA GLN C 175 -24.91 -16.07 31.57
C GLN C 175 -25.76 -15.18 32.48
N ARG C 176 -25.13 -14.46 33.39
CA ARG C 176 -25.88 -13.60 34.32
C ARG C 176 -26.17 -12.21 33.76
N LEU C 177 -25.32 -11.69 32.87
CA LEU C 177 -25.42 -10.29 32.47
C LEU C 177 -25.69 -10.07 30.98
N LEU C 178 -25.80 -11.12 30.17
CA LEU C 178 -26.07 -10.91 28.75
C LEU C 178 -27.39 -10.20 28.50
N PRO C 179 -28.53 -10.60 29.08
CA PRO C 179 -29.76 -9.81 28.87
C PRO C 179 -29.65 -8.38 29.35
N VAL C 180 -28.93 -8.15 30.45
CA VAL C 180 -28.83 -6.80 31.00
C VAL C 180 -28.10 -5.88 30.02
N LEU C 181 -26.94 -6.31 29.54
CA LEU C 181 -26.18 -5.49 28.59
C LEU C 181 -26.86 -5.43 27.23
N CYS C 182 -27.67 -6.44 26.90
CA CYS C 182 -28.38 -6.41 25.63
C CYS C 182 -29.57 -5.46 25.66
N GLN C 183 -30.21 -5.30 26.81
CA GLN C 183 -31.43 -4.49 26.91
C GLN C 183 -31.16 -3.09 27.43
N ALA C 184 -30.59 -2.98 28.63
CA ALA C 184 -30.41 -1.66 29.24
C ALA C 184 -29.43 -0.80 28.44
N HIS C 185 -28.34 -1.39 27.97
CA HIS C 185 -27.33 -0.66 27.23
C HIS C 185 -27.44 -0.84 25.72
N GLY C 186 -28.24 -1.78 25.23
CA GLY C 186 -28.39 -2.01 23.82
C GLY C 186 -27.11 -2.45 23.14
N LEU C 187 -26.39 -3.38 23.78
CA LEU C 187 -25.11 -3.87 23.26
C LEU C 187 -25.32 -5.15 22.47
N THR C 188 -24.64 -5.25 21.34
CA THR C 188 -24.73 -6.45 20.52
C THR C 188 -24.13 -7.63 21.28
N PRO C 189 -24.78 -8.81 21.25
CA PRO C 189 -24.19 -9.98 21.90
C PRO C 189 -22.82 -10.34 21.37
N GLU C 190 -22.53 -10.04 20.10
CA GLU C 190 -21.19 -10.28 19.57
C GLU C 190 -20.15 -9.44 20.29
N GLN C 191 -20.48 -8.17 20.57
CA GLN C 191 -19.56 -7.32 21.32
C GLN C 191 -19.34 -7.85 22.73
N VAL C 192 -20.41 -8.33 23.38
CA VAL C 192 -20.28 -8.89 24.72
C VAL C 192 -19.38 -10.12 24.70
N VAL C 193 -19.57 -10.99 23.69
CA VAL C 193 -18.74 -12.18 23.57
C VAL C 193 -17.28 -11.80 23.35
N ALA C 194 -17.04 -10.81 22.47
CA ALA C 194 -15.67 -10.39 22.20
C ALA C 194 -15.02 -9.81 23.45
N ILE C 195 -15.76 -9.02 24.22
CA ILE C 195 -15.22 -8.46 25.46
C ILE C 195 -14.91 -9.58 26.45
N ALA C 196 -15.81 -10.56 26.57
CA ALA C 196 -15.63 -11.63 27.55
C ALA C 196 -14.64 -12.69 27.09
N SER C 197 -14.23 -12.67 25.82
CA SER C 197 -13.28 -13.66 25.31
C SER C 197 -11.84 -13.17 25.50
N ASN C 198 -11.51 -12.92 26.76
CA ASN C 198 -10.19 -12.40 27.13
C ASN C 198 -9.89 -12.83 28.56
N ILE C 199 -8.60 -12.72 28.93
CA ILE C 199 -8.19 -13.02 30.29
C ILE C 199 -8.75 -11.96 31.23
N GLY C 200 -9.44 -12.42 32.27
CA GLY C 200 -10.11 -11.50 33.18
C GLY C 200 -11.23 -10.73 32.52
N GLY C 201 -12.02 -11.39 31.66
CA GLY C 201 -13.11 -10.72 30.97
C GLY C 201 -14.30 -10.38 31.84
N LYS C 202 -14.48 -11.10 32.96
CA LYS C 202 -15.59 -10.79 33.86
C LYS C 202 -15.47 -9.40 34.44
N GLN C 203 -14.26 -9.01 34.86
CA GLN C 203 -14.06 -7.67 35.41
C GLN C 203 -14.32 -6.61 34.35
N ALA C 204 -13.86 -6.84 33.12
CA ALA C 204 -14.09 -5.88 32.04
C ALA C 204 -15.58 -5.75 31.74
N LEU C 205 -16.31 -6.87 31.72
CA LEU C 205 -17.75 -6.82 31.46
C LEU C 205 -18.48 -6.08 32.58
N GLU C 206 -18.10 -6.34 33.84
CA GLU C 206 -18.73 -5.64 34.95
C GLU C 206 -18.44 -4.14 34.90
N THR C 207 -17.20 -3.78 34.57
CA THR C 207 -16.86 -2.36 34.45
C THR C 207 -17.62 -1.69 33.32
N VAL C 208 -17.79 -2.39 32.19
CA VAL C 208 -18.57 -1.86 31.09
C VAL C 208 -20.00 -1.62 31.52
N GLN C 209 -20.62 -2.62 32.15
CA GLN C 209 -21.99 -2.47 32.63
C GLN C 209 -22.11 -1.34 33.63
N ARG C 210 -21.06 -1.13 34.43
CA ARG C 210 -21.12 -0.11 35.48
C ARG C 210 -21.01 1.30 34.90
N LEU C 211 -20.09 1.53 33.96
CA LEU C 211 -19.75 2.89 33.57
C LEU C 211 -19.80 3.12 32.07
N LEU C 212 -20.60 2.35 31.32
CA LEU C 212 -20.81 2.69 29.92
C LEU C 212 -21.52 4.03 29.74
N PRO C 213 -22.65 4.32 30.41
CA PRO C 213 -23.27 5.64 30.22
C PRO C 213 -22.40 6.80 30.64
N VAL C 214 -21.55 6.62 31.66
CA VAL C 214 -20.69 7.71 32.11
C VAL C 214 -19.72 8.11 30.99
N LEU C 215 -19.04 7.13 30.41
CA LEU C 215 -18.13 7.44 29.30
C LEU C 215 -18.89 7.91 28.07
N CYS C 216 -20.11 7.41 27.86
CA CYS C 216 -20.91 7.84 26.72
C CYS C 216 -21.28 9.31 26.82
N GLN C 217 -21.67 9.77 28.00
CA GLN C 217 -22.19 11.14 28.16
C GLN C 217 -21.11 12.13 28.56
N ALA C 218 -20.46 11.91 29.71
CA ALA C 218 -19.52 12.91 30.23
C ALA C 218 -18.24 13.01 29.43
N HIS C 219 -17.97 12.06 28.53
CA HIS C 219 -16.76 12.09 27.72
C HIS C 219 -17.03 12.04 26.22
N GLY C 220 -18.27 11.84 25.81
CA GLY C 220 -18.59 11.81 24.38
C GLY C 220 -17.93 10.69 23.62
N LEU C 221 -17.93 9.48 24.20
CA LEU C 221 -17.32 8.31 23.59
C LEU C 221 -18.40 7.35 23.14
N THR C 222 -18.31 6.91 21.89
CA THR C 222 -19.27 5.96 21.36
C THR C 222 -19.09 4.60 22.04
N PRO C 223 -20.16 3.81 22.16
CA PRO C 223 -20.03 2.47 22.75
C PRO C 223 -19.05 1.57 22.02
N GLU C 224 -18.85 1.78 20.72
CA GLU C 224 -17.89 0.97 19.97
C GLU C 224 -16.48 1.16 20.49
N GLN C 225 -16.09 2.41 20.78
CA GLN C 225 -14.77 2.67 21.32
C GLN C 225 -14.59 2.02 22.70
N VAL C 226 -15.62 2.08 23.54
CA VAL C 226 -15.56 1.45 24.85
C VAL C 226 -15.41 -0.05 24.72
N VAL C 227 -16.16 -0.66 23.79
CA VAL C 227 -16.05 -2.10 23.56
C VAL C 227 -14.66 -2.47 23.09
N ALA C 228 -14.11 -1.69 22.16
CA ALA C 228 -12.77 -1.95 21.65
C ALA C 228 -11.73 -1.83 22.76
N ILE C 229 -11.88 -0.82 23.63
CA ILE C 229 -10.94 -0.63 24.73
C ILE C 229 -11.03 -1.81 25.71
N ALA C 230 -12.25 -2.25 26.02
CA ALA C 230 -12.46 -3.30 27.00
C ALA C 230 -12.27 -4.70 26.42
N SER C 231 -11.93 -4.83 25.14
CA SER C 231 -11.75 -6.14 24.50
C SER C 231 -10.31 -6.62 24.57
N ASN C 232 -9.55 -6.21 25.58
CA ASN C 232 -8.17 -6.61 25.75
C ASN C 232 -7.94 -7.07 27.19
N ASN C 233 -6.73 -7.56 27.46
CA ASN C 233 -6.39 -8.00 28.80
C ASN C 233 -6.39 -6.82 29.77
N GLY C 234 -6.97 -7.03 30.94
CA GLY C 234 -7.06 -5.97 31.92
C GLY C 234 -7.95 -4.82 31.48
N GLY C 235 -9.11 -5.14 30.91
CA GLY C 235 -10.01 -4.11 30.42
C GLY C 235 -10.58 -3.21 31.50
N LYS C 236 -10.81 -3.75 32.70
CA LYS C 236 -11.33 -2.94 33.80
C LYS C 236 -10.35 -1.84 34.17
N GLN C 237 -9.07 -2.19 34.32
CA GLN C 237 -8.06 -1.20 34.69
C GLN C 237 -7.91 -0.15 33.59
N ALA C 238 -7.91 -0.58 32.32
CA ALA C 238 -7.80 0.36 31.22
C ALA C 238 -8.98 1.32 31.19
N LEU C 239 -10.20 0.80 31.39
CA LEU C 239 -11.38 1.66 31.39
C LEU C 239 -11.35 2.65 32.55
N GLU C 240 -10.93 2.19 33.74
CA GLU C 240 -10.83 3.09 34.88
C GLU C 240 -9.80 4.18 34.62
N THR C 241 -8.66 3.81 34.04
CA THR C 241 -7.63 4.79 33.72
C THR C 241 -8.13 5.80 32.69
N VAL C 242 -8.86 5.32 31.68
CA VAL C 242 -9.41 6.24 30.67
C VAL C 242 -10.38 7.21 31.33
N GLN C 243 -11.28 6.69 32.18
CA GLN C 243 -12.25 7.56 32.83
C GLN C 243 -11.56 8.61 33.71
N ARG C 244 -10.51 8.21 34.43
CA ARG C 244 -9.83 9.12 35.33
C ARG C 244 -8.88 10.07 34.61
N LEU C 245 -8.48 9.75 33.37
CA LEU C 245 -7.40 10.49 32.72
C LEU C 245 -7.81 11.25 31.47
N LEU C 246 -8.99 10.97 30.89
CA LEU C 246 -9.35 11.60 29.62
C LEU C 246 -9.38 13.13 29.68
N PRO C 247 -10.02 13.77 30.65
CA PRO C 247 -9.95 15.25 30.67
C PRO C 247 -8.54 15.79 30.85
N VAL C 248 -7.71 15.10 31.63
CA VAL C 248 -6.35 15.57 31.88
C VAL C 248 -5.53 15.50 30.58
N LEU C 249 -5.61 14.38 29.87
CA LEU C 249 -4.85 14.24 28.63
C LEU C 249 -5.46 15.02 27.48
N CYS C 250 -6.72 15.42 27.58
CA CYS C 250 -7.38 16.14 26.50
C CYS C 250 -7.26 17.65 26.65
N GLN C 251 -7.21 18.17 27.87
CA GLN C 251 -7.14 19.61 28.11
C GLN C 251 -5.71 20.11 28.26
N ALA C 252 -4.98 19.59 29.24
CA ALA C 252 -3.62 20.06 29.50
C ALA C 252 -2.68 19.66 28.37
N HIS C 253 -2.71 18.39 27.98
CA HIS C 253 -1.79 17.89 26.95
C HIS C 253 -2.32 18.11 25.53
N GLY C 254 -3.59 18.46 25.37
CA GLY C 254 -4.14 18.74 24.06
C GLY C 254 -4.11 17.56 23.12
N LEU C 255 -4.50 16.38 23.60
CA LEU C 255 -4.49 15.17 22.80
C LEU C 255 -5.90 14.84 22.35
N THR C 256 -6.05 14.47 21.08
CA THR C 256 -7.35 14.11 20.55
C THR C 256 -7.89 12.87 21.27
N PRO C 257 -9.18 12.85 21.63
CA PRO C 257 -9.73 11.67 22.28
C PRO C 257 -9.61 10.40 21.45
N GLU C 258 -9.62 10.51 20.12
CA GLU C 258 -9.44 9.33 19.27
C GLU C 258 -8.07 8.71 19.48
N GLN C 259 -7.04 9.55 19.62
CA GLN C 259 -5.69 9.03 19.86
C GLN C 259 -5.61 8.32 21.20
N VAL C 260 -6.25 8.89 22.23
CA VAL C 260 -6.25 8.25 23.55
C VAL C 260 -6.98 6.92 23.50
N VAL C 261 -8.10 6.87 22.78
CA VAL C 261 -8.86 5.63 22.64
C VAL C 261 -8.03 4.58 21.93
N ALA C 262 -7.33 4.98 20.86
CA ALA C 262 -6.48 4.05 20.13
C ALA C 262 -5.35 3.53 21.01
N ILE C 263 -4.75 4.40 21.82
CA ILE C 263 -3.69 3.98 22.74
C ILE C 263 -4.23 2.98 23.74
N ALA C 264 -5.41 3.26 24.32
CA ALA C 264 -5.99 2.42 25.34
C ALA C 264 -6.62 1.15 24.79
N SER C 265 -6.79 1.04 23.47
CA SER C 265 -7.38 -0.14 22.86
C SER C 265 -6.38 -1.27 22.64
N ASN C 266 -5.24 -1.22 23.31
CA ASN C 266 -4.21 -2.26 23.21
C ASN C 266 -4.08 -2.97 24.55
N ASN C 267 -3.28 -4.03 24.55
CA ASN C 267 -3.03 -4.78 25.78
C ASN C 267 -2.24 -3.90 26.76
N GLY C 268 -2.70 -3.87 28.00
CA GLY C 268 -2.07 -3.03 29.00
C GLY C 268 -2.14 -1.55 28.69
N GLY C 269 -3.32 -1.06 28.29
CA GLY C 269 -3.45 0.34 27.92
C GLY C 269 -3.31 1.31 29.06
N LYS C 270 -3.61 0.88 30.29
CA LYS C 270 -3.46 1.77 31.44
C LYS C 270 -2.01 2.15 31.65
N GLN C 271 -1.10 1.18 31.58
CA GLN C 271 0.32 1.47 31.75
C GLN C 271 0.82 2.36 30.62
N ALA C 272 0.37 2.11 29.39
CA ALA C 272 0.77 2.95 28.27
C ALA C 272 0.30 4.39 28.45
N LEU C 273 -0.95 4.56 28.91
CA LEU C 273 -1.47 5.91 29.14
C LEU C 273 -0.71 6.62 30.25
N GLU C 274 -0.39 5.89 31.33
CA GLU C 274 0.37 6.48 32.41
C GLU C 274 1.77 6.90 31.94
N THR C 275 2.42 6.04 31.15
CA THR C 275 3.74 6.38 30.62
C THR C 275 3.67 7.58 29.68
N VAL C 276 2.62 7.66 28.86
CA VAL C 276 2.45 8.81 27.98
C VAL C 276 2.29 10.09 28.79
N GLN C 277 1.46 10.04 29.82
CA GLN C 277 1.28 11.22 30.68
C GLN C 277 2.59 11.62 31.35
N ARG C 278 3.37 10.63 31.79
CA ARG C 278 4.59 10.92 32.52
C ARG C 278 5.71 11.42 31.60
N LEU C 279 5.73 11.00 30.34
CA LEU C 279 6.88 11.25 29.48
C LEU C 279 6.58 12.14 28.27
N LEU C 280 5.35 12.63 28.09
CA LEU C 280 5.07 13.49 26.94
C LEU C 280 5.85 14.80 26.97
N PRO C 281 5.86 15.59 28.06
CA PRO C 281 6.68 16.82 28.03
C PRO C 281 8.16 16.54 27.85
N VAL C 282 8.68 15.49 28.48
CA VAL C 282 10.12 15.19 28.37
C VAL C 282 10.47 14.81 26.94
N LEU C 283 9.67 13.94 26.34
CA LEU C 283 9.95 13.54 24.96
C LEU C 283 9.75 14.69 23.98
N CYS C 284 8.80 15.58 24.27
CA CYS C 284 8.53 16.69 23.36
C CYS C 284 9.58 17.79 23.46
N GLN C 285 10.18 17.98 24.63
CA GLN C 285 11.13 19.07 24.84
C GLN C 285 12.58 18.59 24.72
N ALA C 286 13.00 17.62 25.53
CA ALA C 286 14.38 17.19 25.53
C ALA C 286 14.77 16.54 24.21
N HIS C 287 13.89 15.70 23.66
CA HIS C 287 14.17 14.98 22.42
C HIS C 287 13.47 15.58 21.20
N GLY C 288 12.56 16.53 21.40
CA GLY C 288 11.88 17.14 20.28
C GLY C 288 11.01 16.19 19.49
N LEU C 289 10.24 15.35 20.17
CA LEU C 289 9.39 14.36 19.53
C LEU C 289 7.97 14.90 19.39
N THR C 290 7.39 14.75 18.21
CA THR C 290 6.03 15.19 17.99
C THR C 290 5.06 14.37 18.85
N PRO C 291 4.06 15.01 19.47
CA PRO C 291 3.06 14.23 20.22
C PRO C 291 2.36 13.17 19.37
N GLU C 292 2.11 13.46 18.10
CA GLU C 292 1.53 12.47 17.21
C GLU C 292 2.45 11.26 17.06
N GLN C 293 3.75 11.52 16.91
CA GLN C 293 4.72 10.42 16.86
C GLN C 293 4.71 9.63 18.16
N VAL C 294 4.61 10.32 19.30
CA VAL C 294 4.61 9.64 20.58
C VAL C 294 3.40 8.72 20.72
N VAL C 295 2.21 9.22 20.36
CA VAL C 295 1.02 8.39 20.45
C VAL C 295 1.03 7.27 19.41
N ALA C 296 1.67 7.47 18.26
CA ALA C 296 1.83 6.39 17.30
C ALA C 296 2.74 5.29 17.85
N ILE C 297 3.82 5.69 18.53
CA ILE C 297 4.72 4.70 19.13
C ILE C 297 4.02 3.97 20.26
N ALA C 298 3.22 4.67 21.06
CA ALA C 298 2.61 4.11 22.25
C ALA C 298 1.30 3.39 21.97
N SER C 299 0.91 3.24 20.70
CA SER C 299 -0.33 2.57 20.32
C SER C 299 -0.10 1.11 19.95
N ASN C 300 0.88 0.45 20.57
CA ASN C 300 1.19 -0.94 20.32
C ASN C 300 1.12 -1.71 21.63
N ILE C 301 1.27 -3.04 21.54
CA ILE C 301 1.29 -3.88 22.72
C ILE C 301 2.59 -3.64 23.48
N GLY C 302 2.48 -3.39 24.77
CA GLY C 302 3.65 -3.07 25.57
C GLY C 302 4.31 -1.77 25.19
N GLY C 303 3.52 -0.72 24.97
CA GLY C 303 4.07 0.55 24.54
C GLY C 303 4.87 1.26 25.62
N LYS C 304 4.60 0.94 26.89
CA LYS C 304 5.37 1.55 27.97
C LYS C 304 6.84 1.15 27.90
N GLN C 305 7.12 -0.13 27.67
CA GLN C 305 8.50 -0.59 27.55
C GLN C 305 9.19 0.04 26.35
N ALA C 306 8.47 0.14 25.22
CA ALA C 306 9.04 0.76 24.03
C ALA C 306 9.36 2.23 24.28
N LEU C 307 8.45 2.95 24.95
CA LEU C 307 8.70 4.35 25.26
C LEU C 307 9.90 4.51 26.18
N GLU C 308 9.99 3.67 27.21
CA GLU C 308 11.13 3.74 28.13
C GLU C 308 12.45 3.46 27.41
N THR C 309 12.46 2.44 26.53
CA THR C 309 13.67 2.13 25.78
C THR C 309 14.04 3.25 24.84
N VAL C 310 13.05 3.86 24.18
CA VAL C 310 13.33 4.98 23.28
C VAL C 310 13.93 6.15 24.05
N GLN C 311 13.34 6.47 25.21
CA GLN C 311 13.86 7.58 26.01
C GLN C 311 15.27 7.27 26.49
N ARG C 312 15.55 6.03 26.88
CA ARG C 312 16.85 5.68 27.42
C ARG C 312 17.92 5.51 26.35
N LEU C 313 17.55 5.26 25.10
CA LEU C 313 18.53 4.93 24.07
C LEU C 313 18.51 5.84 22.85
N LEU C 314 17.70 6.89 22.83
CA LEU C 314 17.72 7.81 21.68
C LEU C 314 19.07 8.48 21.48
N PRO C 315 19.68 9.12 22.49
CA PRO C 315 21.01 9.71 22.26
C PRO C 315 22.06 8.69 21.89
N VAL C 316 22.01 7.49 22.48
CA VAL C 316 23.02 6.48 22.20
C VAL C 316 22.98 6.08 20.73
N LEU C 317 21.78 5.79 20.21
CA LEU C 317 21.66 5.39 18.82
C LEU C 317 21.87 6.55 17.87
N CYS C 318 21.54 7.77 18.30
CA CYS C 318 21.72 8.94 17.44
C CYS C 318 23.15 9.45 17.41
N GLN C 319 23.99 9.06 18.36
CA GLN C 319 25.37 9.51 18.40
C GLN C 319 26.37 8.40 18.10
N ALA C 320 26.32 7.29 18.82
CA ALA C 320 27.28 6.22 18.65
C ALA C 320 26.87 5.20 17.60
N HIS C 321 25.71 5.39 16.96
CA HIS C 321 25.24 4.47 15.93
C HIS C 321 24.79 5.15 14.65
N GLY C 322 24.59 6.46 14.65
CA GLY C 322 24.22 7.18 13.45
C GLY C 322 22.77 7.07 13.04
N LEU C 323 21.93 6.42 13.85
CA LEU C 323 20.53 6.26 13.49
C LEU C 323 19.77 7.58 13.62
N THR C 324 18.94 7.87 12.62
CA THR C 324 18.07 9.03 12.67
C THR C 324 16.89 8.79 13.60
N PRO C 325 16.33 9.85 14.19
CA PRO C 325 15.15 9.66 15.05
C PRO C 325 13.98 9.02 14.34
N GLU C 326 13.81 9.31 13.04
CA GLU C 326 12.70 8.72 12.29
C GLU C 326 12.86 7.21 12.18
N GLN C 327 14.08 6.73 11.94
CA GLN C 327 14.31 5.29 11.86
C GLN C 327 14.03 4.61 13.19
N VAL C 328 14.46 5.23 14.30
CA VAL C 328 14.20 4.65 15.62
C VAL C 328 12.71 4.62 15.90
N VAL C 329 12.00 5.69 15.52
CA VAL C 329 10.54 5.72 15.72
C VAL C 329 9.88 4.61 14.91
N ALA C 330 10.30 4.44 13.65
CA ALA C 330 9.72 3.40 12.81
C ALA C 330 9.99 2.01 13.37
N ILE C 331 11.21 1.78 13.88
CA ILE C 331 11.54 0.48 14.48
C ILE C 331 10.70 0.25 15.73
N ALA C 332 10.52 1.28 16.55
CA ALA C 332 9.77 1.17 17.80
C ALA C 332 8.26 1.19 17.60
N SER C 333 7.78 1.40 16.38
CA SER C 333 6.35 1.46 16.10
C SER C 333 5.73 0.09 15.84
N ASN C 334 6.36 -0.98 16.33
CA ASN C 334 5.86 -2.33 16.15
C ASN C 334 5.81 -3.04 17.51
N GLY C 335 5.18 -4.20 17.52
CA GLY C 335 5.11 -4.98 18.74
C GLY C 335 6.48 -5.42 19.20
N GLY C 336 6.67 -5.48 20.50
CA GLY C 336 7.98 -5.80 21.06
C GLY C 336 9.03 -4.77 20.73
N GLY C 337 8.70 -3.49 20.89
CA GLY C 337 9.63 -2.43 20.52
C GLY C 337 10.89 -2.43 21.35
N LYS C 338 10.76 -2.68 22.67
CA LYS C 338 11.93 -2.68 23.53
C LYS C 338 12.94 -3.75 23.11
N GLN C 339 12.46 -4.96 22.86
CA GLN C 339 13.36 -6.04 22.44
C GLN C 339 14.01 -5.73 21.11
N ALA C 340 13.24 -5.19 20.16
CA ALA C 340 13.80 -4.85 18.86
C ALA C 340 14.89 -3.77 18.98
N LEU C 341 14.62 -2.74 19.78
CA LEU C 341 15.62 -1.69 19.96
C LEU C 341 16.88 -2.22 20.62
N GLU C 342 16.72 -3.05 21.66
CA GLU C 342 17.89 -3.62 22.32
C GLU C 342 18.69 -4.50 21.37
N THR C 343 18.01 -5.32 20.58
CA THR C 343 18.70 -6.19 19.62
C THR C 343 19.42 -5.37 18.56
N VAL C 344 18.79 -4.30 18.07
CA VAL C 344 19.44 -3.45 17.08
C VAL C 344 20.70 -2.82 17.67
N GLN C 345 20.58 -2.27 18.89
CA GLN C 345 21.73 -1.63 19.52
C GLN C 345 22.85 -2.63 19.76
N ARG C 346 22.51 -3.87 20.12
CA ARG C 346 23.53 -4.86 20.41
C ARG C 346 24.18 -5.42 19.15
N LEU C 347 23.44 -5.58 18.06
CA LEU C 347 23.90 -6.33 16.91
C LEU C 347 24.10 -5.49 15.65
N LEU C 348 24.01 -4.16 15.73
CA LEU C 348 24.26 -3.35 14.55
C LEU C 348 25.68 -3.50 14.02
N PRO C 349 26.75 -3.35 14.82
CA PRO C 349 28.10 -3.53 14.25
C PRO C 349 28.35 -4.94 13.76
N VAL C 350 27.79 -5.95 14.44
CA VAL C 350 28.04 -7.34 14.06
C VAL C 350 27.48 -7.61 12.66
N LEU C 351 26.26 -7.17 12.40
CA LEU C 351 25.66 -7.35 11.09
C LEU C 351 26.23 -6.42 10.04
N CYS C 352 26.69 -5.23 10.44
CA CYS C 352 27.23 -4.28 9.47
C CYS C 352 28.62 -4.68 8.99
N GLN C 353 29.45 -5.23 9.88
CA GLN C 353 30.83 -5.56 9.53
C GLN C 353 30.98 -7.02 9.11
N ALA C 354 30.61 -7.95 9.99
CA ALA C 354 30.81 -9.37 9.70
C ALA C 354 29.95 -9.84 8.54
N HIS C 355 28.68 -9.42 8.51
CA HIS C 355 27.74 -9.86 7.48
C HIS C 355 27.64 -8.88 6.33
N GLY C 356 28.25 -7.70 6.43
CA GLY C 356 28.22 -6.73 5.34
C GLY C 356 26.83 -6.24 4.99
N LEU C 357 26.01 -5.97 5.99
CA LEU C 357 24.64 -5.50 5.78
C LEU C 357 24.56 -4.01 6.09
N THR C 358 23.95 -3.25 5.18
CA THR C 358 23.79 -1.83 5.39
C THR C 358 22.82 -1.57 6.55
N PRO C 359 23.00 -0.44 7.26
CA PRO C 359 22.08 -0.13 8.37
C PRO C 359 20.62 -0.03 7.94
N GLU C 360 20.37 0.41 6.70
CA GLU C 360 18.99 0.51 6.22
C GLU C 360 18.33 -0.86 6.16
N GLN C 361 19.07 -1.88 5.72
CA GLN C 361 18.52 -3.23 5.68
C GLN C 361 18.19 -3.73 7.08
N VAL C 362 19.07 -3.48 8.05
CA VAL C 362 18.81 -3.89 9.43
C VAL C 362 17.58 -3.18 9.98
N VAL C 363 17.46 -1.88 9.69
CA VAL C 363 16.30 -1.12 10.15
C VAL C 363 15.01 -1.68 9.55
N ALA C 364 15.04 -1.97 8.24
CA ALA C 364 13.86 -2.52 7.58
C ALA C 364 13.48 -3.88 8.15
N ILE C 365 14.49 -4.71 8.44
CA ILE C 365 14.21 -6.01 9.06
C ILE C 365 13.60 -5.82 10.43
N ALA C 366 14.11 -4.86 11.20
CA ALA C 366 13.62 -4.59 12.55
C ALA C 366 12.40 -3.69 12.57
N SER C 367 11.92 -3.23 11.42
CA SER C 367 10.75 -2.38 11.33
C SER C 367 9.44 -3.17 11.26
N ASN C 368 9.45 -4.42 11.73
CA ASN C 368 8.27 -5.27 11.73
C ASN C 368 8.06 -5.85 13.12
N ILE C 369 6.92 -6.54 13.29
CA ILE C 369 6.61 -7.17 14.56
C ILE C 369 7.58 -8.33 14.81
N GLY C 370 8.13 -8.38 16.02
CA GLY C 370 9.09 -9.40 16.35
C GLY C 370 10.40 -9.30 15.61
N GLY C 371 10.96 -8.09 15.50
CA GLY C 371 12.21 -7.90 14.78
C GLY C 371 13.42 -8.49 15.46
N LYS C 372 13.36 -8.70 16.78
CA LYS C 372 14.49 -9.30 17.48
C LYS C 372 14.74 -10.72 17.00
N GLN C 373 13.68 -11.53 16.91
CA GLN C 373 13.82 -12.90 16.45
C GLN C 373 14.30 -12.95 15.00
N ALA C 374 13.78 -12.06 14.16
CA ALA C 374 14.21 -12.01 12.77
C ALA C 374 15.68 -11.65 12.66
N LEU C 375 16.13 -10.66 13.44
CA LEU C 375 17.54 -10.27 13.40
C LEU C 375 18.44 -11.40 13.88
N GLU C 376 18.05 -12.07 14.97
CA GLU C 376 18.86 -13.18 15.47
C GLU C 376 18.91 -14.32 14.44
N THR C 377 17.78 -14.61 13.81
CA THR C 377 17.75 -15.67 12.80
C THR C 377 18.60 -15.30 11.60
N VAL C 378 18.56 -14.04 11.17
CA VAL C 378 19.41 -13.60 10.06
C VAL C 378 20.88 -13.75 10.42
N GLN C 379 21.25 -13.30 11.61
CA GLN C 379 22.65 -13.41 12.04
C GLN C 379 23.10 -14.87 12.11
N ARG C 380 22.21 -15.75 12.56
CA ARG C 380 22.57 -17.16 12.69
C ARG C 380 22.60 -17.90 11.36
N LEU C 381 21.76 -17.51 10.39
CA LEU C 381 21.52 -18.33 9.21
C LEU C 381 21.91 -17.65 7.91
N LEU C 382 22.55 -16.47 7.94
CA LEU C 382 22.93 -15.83 6.68
C LEU C 382 24.01 -16.60 5.93
N PRO C 383 25.19 -16.86 6.50
CA PRO C 383 26.26 -17.46 5.67
C PRO C 383 25.97 -18.90 5.29
N VAL C 384 25.42 -19.70 6.20
CA VAL C 384 25.20 -21.11 5.90
C VAL C 384 24.12 -21.29 4.84
N LEU C 385 23.07 -20.47 4.88
CA LEU C 385 22.02 -20.55 3.86
C LEU C 385 22.47 -19.93 2.55
N CYS C 386 23.31 -18.89 2.60
CA CYS C 386 23.77 -18.24 1.37
C CYS C 386 24.77 -19.11 0.63
N GLN C 387 25.71 -19.73 1.34
CA GLN C 387 26.76 -20.49 0.68
C GLN C 387 26.24 -21.83 0.15
N ALA C 388 25.39 -22.51 0.93
CA ALA C 388 24.91 -23.83 0.57
C ALA C 388 23.74 -23.81 -0.40
N HIS C 389 23.19 -22.62 -0.70
CA HIS C 389 22.07 -22.52 -1.61
C HIS C 389 22.24 -21.46 -2.70
N GLY C 390 23.16 -20.51 -2.53
CA GLY C 390 23.44 -19.53 -3.55
C GLY C 390 22.42 -18.42 -3.71
N LEU C 391 21.44 -18.34 -2.81
CA LEU C 391 20.44 -17.28 -2.91
C LEU C 391 21.06 -15.93 -2.58
N THR C 392 20.63 -14.90 -3.31
CA THR C 392 21.12 -13.55 -3.08
C THR C 392 20.69 -13.07 -1.69
N PRO C 393 21.56 -12.33 -1.00
CA PRO C 393 21.15 -11.75 0.29
C PRO C 393 19.93 -10.85 0.20
N GLU C 394 19.68 -10.26 -0.97
CA GLU C 394 18.47 -9.45 -1.14
C GLU C 394 17.22 -10.30 -0.97
N GLN C 395 17.23 -11.52 -1.50
CA GLN C 395 16.10 -12.43 -1.31
C GLN C 395 15.92 -12.78 0.16
N VAL C 396 17.03 -13.02 0.87
CA VAL C 396 16.95 -13.34 2.29
C VAL C 396 16.37 -12.18 3.07
N VAL C 397 16.77 -10.95 2.71
CA VAL C 397 16.21 -9.77 3.36
C VAL C 397 14.71 -9.65 3.06
N ALA C 398 14.32 -9.88 1.81
CA ALA C 398 12.92 -9.78 1.43
C ALA C 398 12.06 -10.81 2.13
N ILE C 399 12.60 -12.00 2.39
CA ILE C 399 11.86 -13.02 3.13
C ILE C 399 11.60 -12.55 4.55
N ALA C 400 12.62 -12.00 5.22
CA ALA C 400 12.54 -11.62 6.62
C ALA C 400 12.06 -10.20 6.83
N SER C 401 11.69 -9.48 5.77
CA SER C 401 11.22 -8.10 5.88
C SER C 401 9.73 -8.02 6.21
N HIS C 402 9.13 -9.11 6.67
CA HIS C 402 7.71 -9.16 6.99
C HIS C 402 7.52 -9.67 8.41
N ASP C 403 6.27 -9.86 8.80
CA ASP C 403 5.96 -10.39 10.12
C ASP C 403 6.26 -11.88 10.16
N GLY C 404 6.91 -12.32 11.23
CA GLY C 404 7.30 -13.72 11.35
C GLY C 404 8.33 -14.17 10.33
N GLY C 405 9.37 -13.34 10.09
CA GLY C 405 10.39 -13.70 9.13
C GLY C 405 11.24 -14.88 9.53
N LYS C 406 11.40 -15.12 10.84
CA LYS C 406 12.17 -16.27 11.29
C LYS C 406 11.53 -17.58 10.86
N GLN C 407 10.20 -17.68 10.99
CA GLN C 407 9.51 -18.89 10.58
C GLN C 407 9.65 -19.12 9.09
N ALA C 408 9.50 -18.07 8.28
CA ALA C 408 9.66 -18.21 6.83
C ALA C 408 11.08 -18.62 6.47
N LEU C 409 12.08 -18.02 7.12
CA LEU C 409 13.46 -18.35 6.82
C LEU C 409 13.77 -19.81 7.16
N GLU C 410 13.31 -20.26 8.32
CA GLU C 410 13.54 -21.66 8.71
C GLU C 410 12.81 -22.60 7.76
N THR C 411 11.59 -22.25 7.36
CA THR C 411 10.85 -23.10 6.42
C THR C 411 11.56 -23.18 5.07
N VAL C 412 12.09 -22.05 4.58
CA VAL C 412 12.84 -22.07 3.33
C VAL C 412 14.06 -22.96 3.46
N GLN C 413 14.83 -22.77 4.54
CA GLN C 413 16.03 -23.58 4.73
C GLN C 413 15.69 -25.07 4.78
N ARG C 414 14.53 -25.42 5.34
CA ARG C 414 14.17 -26.82 5.46
C ARG C 414 13.63 -27.38 4.14
N LEU C 415 12.92 -26.57 3.37
CA LEU C 415 12.10 -27.06 2.27
C LEU C 415 12.66 -26.77 0.89
N LEU C 416 13.74 -25.98 0.77
CA LEU C 416 14.27 -25.69 -0.55
C LEU C 416 14.68 -26.94 -1.32
N PRO C 417 15.45 -27.88 -0.77
CA PRO C 417 15.83 -29.06 -1.58
C PRO C 417 14.65 -29.91 -2.02
N VAL C 418 13.72 -30.20 -1.11
CA VAL C 418 12.62 -31.12 -1.44
C VAL C 418 11.64 -30.46 -2.41
N LEU C 419 11.32 -29.18 -2.19
CA LEU C 419 10.43 -28.48 -3.12
C LEU C 419 11.08 -28.34 -4.49
N CYS C 420 12.38 -28.06 -4.54
CA CYS C 420 13.04 -27.90 -5.83
C CYS C 420 13.27 -29.24 -6.52
N GLN C 421 13.27 -30.34 -5.77
CA GLN C 421 13.55 -31.66 -6.33
C GLN C 421 12.29 -32.41 -6.76
N ALA C 422 11.35 -32.65 -5.84
CA ALA C 422 10.19 -33.46 -6.17
C ALA C 422 9.14 -32.66 -6.91
N HIS C 423 8.72 -31.53 -6.34
CA HIS C 423 7.65 -30.73 -6.90
C HIS C 423 8.10 -29.80 -8.02
N GLY C 424 9.41 -29.60 -8.19
CA GLY C 424 9.91 -28.85 -9.32
C GLY C 424 9.73 -27.34 -9.27
N LEU C 425 9.68 -26.75 -8.08
CA LEU C 425 9.61 -25.30 -7.98
C LEU C 425 11.00 -24.68 -8.07
N THR C 426 11.08 -23.55 -8.77
CA THR C 426 12.33 -22.79 -8.83
C THR C 426 12.55 -22.08 -7.51
N PRO C 427 13.80 -21.96 -7.05
CA PRO C 427 14.06 -21.19 -5.82
C PRO C 427 13.54 -19.77 -5.87
N GLU C 428 13.48 -19.14 -7.04
CA GLU C 428 12.86 -17.82 -7.14
C GLU C 428 11.39 -17.89 -6.78
N GLN C 429 10.68 -18.93 -7.24
CA GLN C 429 9.28 -19.11 -6.85
C GLN C 429 9.14 -19.31 -5.36
N VAL C 430 10.02 -20.11 -4.75
CA VAL C 430 9.95 -20.36 -3.32
C VAL C 430 10.16 -19.07 -2.54
N VAL C 431 11.14 -18.26 -2.95
CA VAL C 431 11.38 -17.00 -2.26
C VAL C 431 10.21 -16.05 -2.45
N ALA C 432 9.58 -16.09 -3.64
CA ALA C 432 8.40 -15.27 -3.87
C ALA C 432 7.26 -15.66 -2.94
N ILE C 433 7.06 -16.96 -2.73
CA ILE C 433 6.00 -17.40 -1.82
C ILE C 433 6.34 -17.05 -0.38
N ALA C 434 7.62 -17.19 0.00
CA ALA C 434 8.01 -16.94 1.39
C ALA C 434 8.14 -15.46 1.71
N SER C 435 8.25 -14.60 0.71
CA SER C 435 8.36 -13.15 0.94
C SER C 435 6.97 -12.54 1.09
N ASN C 436 6.27 -13.00 2.13
CA ASN C 436 4.92 -12.52 2.42
C ASN C 436 4.62 -12.81 3.89
N GLY C 437 3.58 -12.14 4.39
CA GLY C 437 3.12 -12.39 5.74
C GLY C 437 2.69 -13.82 5.95
N GLY C 438 3.20 -14.46 7.00
CA GLY C 438 2.91 -15.86 7.20
C GLY C 438 3.48 -16.74 6.11
N GLY C 439 4.75 -16.53 5.75
CA GLY C 439 5.37 -17.35 4.73
C GLY C 439 5.46 -18.81 5.11
N LYS C 440 5.67 -19.11 6.40
CA LYS C 440 5.72 -20.50 6.84
C LYS C 440 4.45 -21.24 6.50
N GLN C 441 3.29 -20.63 6.75
CA GLN C 441 2.02 -21.29 6.47
C GLN C 441 1.87 -21.58 4.99
N ALA C 442 2.17 -20.61 4.14
CA ALA C 442 2.02 -20.80 2.69
C ALA C 442 2.97 -21.87 2.19
N LEU C 443 4.23 -21.85 2.64
CA LEU C 443 5.20 -22.82 2.16
C LEU C 443 4.85 -24.23 2.59
N GLU C 444 4.48 -24.41 3.87
CA GLU C 444 4.09 -25.74 4.33
C GLU C 444 2.82 -26.21 3.63
N THR C 445 1.89 -25.29 3.35
CA THR C 445 0.68 -25.66 2.64
C THR C 445 0.99 -26.10 1.22
N VAL C 446 1.91 -25.41 0.55
CA VAL C 446 2.33 -25.82 -0.79
C VAL C 446 2.96 -27.20 -0.74
N GLN C 447 3.87 -27.41 0.21
CA GLN C 447 4.50 -28.72 0.37
C GLN C 447 3.48 -29.82 0.57
N ARG C 448 2.43 -29.55 1.35
CA ARG C 448 1.41 -30.55 1.63
C ARG C 448 0.44 -30.76 0.48
N LEU C 449 0.17 -29.72 -0.30
CA LEU C 449 -1.03 -29.67 -1.13
C LEU C 449 -0.76 -29.61 -2.63
N LEU C 450 0.48 -29.40 -3.07
CA LEU C 450 0.73 -29.23 -4.50
C LEU C 450 0.31 -30.42 -5.35
N PRO C 451 0.65 -31.68 -5.00
CA PRO C 451 0.31 -32.78 -5.92
C PRO C 451 -1.18 -32.94 -6.17
N VAL C 452 -1.99 -32.91 -5.11
CA VAL C 452 -3.43 -33.14 -5.27
C VAL C 452 -4.06 -31.99 -6.06
N LEU C 453 -3.58 -30.76 -5.86
CA LEU C 453 -4.07 -29.64 -6.64
C LEU C 453 -3.65 -29.72 -8.10
N CYS C 454 -2.48 -30.29 -8.38
CA CYS C 454 -1.96 -30.30 -9.74
C CYS C 454 -2.32 -31.54 -10.54
N GLN C 455 -2.86 -32.59 -9.92
CA GLN C 455 -3.23 -33.78 -10.68
C GLN C 455 -4.71 -34.13 -10.61
N ALA C 456 -5.46 -33.57 -9.66
CA ALA C 456 -6.87 -33.86 -9.53
C ALA C 456 -7.76 -32.72 -9.98
N HIS C 457 -7.41 -31.48 -9.65
CA HIS C 457 -8.20 -30.32 -10.01
C HIS C 457 -7.75 -29.67 -11.32
N GLY C 458 -6.71 -30.20 -11.96
CA GLY C 458 -6.23 -29.67 -13.23
C GLY C 458 -5.69 -28.26 -13.17
N LEU C 459 -4.85 -27.96 -12.19
CA LEU C 459 -4.23 -26.66 -12.05
C LEU C 459 -2.73 -26.78 -12.28
N THR C 460 -2.14 -25.77 -12.92
CA THR C 460 -0.72 -25.77 -13.19
C THR C 460 0.06 -25.32 -11.96
N PRO C 461 1.31 -25.76 -11.83
CA PRO C 461 2.12 -25.33 -10.67
C PRO C 461 2.31 -23.83 -10.58
N GLU C 462 2.34 -23.12 -11.71
CA GLU C 462 2.49 -21.68 -11.68
C GLU C 462 1.24 -21.00 -11.12
N GLN C 463 0.07 -21.57 -11.40
CA GLN C 463 -1.16 -21.06 -10.81
C GLN C 463 -1.14 -21.20 -9.28
N VAL C 464 -0.68 -22.36 -8.79
CA VAL C 464 -0.57 -22.56 -7.35
C VAL C 464 0.45 -21.61 -6.75
N VAL C 465 1.56 -21.37 -7.46
CA VAL C 465 2.57 -20.44 -6.98
C VAL C 465 1.99 -19.04 -6.86
N ALA C 466 1.20 -18.63 -7.86
CA ALA C 466 0.55 -17.33 -7.80
C ALA C 466 -0.44 -17.24 -6.65
N ILE C 467 -1.21 -18.32 -6.43
CA ILE C 467 -2.22 -18.31 -5.38
C ILE C 467 -1.56 -18.21 -4.01
N ALA C 468 -0.47 -18.95 -3.80
CA ALA C 468 0.17 -19.03 -2.49
C ALA C 468 1.11 -17.86 -2.21
N SER C 469 1.33 -16.97 -3.17
CA SER C 469 2.29 -15.88 -3.03
C SER C 469 1.63 -14.59 -2.58
N HIS C 470 0.58 -14.67 -1.77
CA HIS C 470 -0.12 -13.52 -1.23
C HIS C 470 -0.29 -13.69 0.28
N ASP C 471 -0.52 -12.57 0.96
CA ASP C 471 -0.74 -12.61 2.41
C ASP C 471 -1.92 -13.51 2.73
N GLY C 472 -1.72 -14.44 3.66
CA GLY C 472 -2.74 -15.43 3.92
C GLY C 472 -2.96 -16.38 2.76
N GLY C 473 -1.88 -16.87 2.16
CA GLY C 473 -2.00 -17.80 1.04
C GLY C 473 -2.51 -19.17 1.42
N LYS C 474 -2.29 -19.58 2.67
CA LYS C 474 -2.84 -20.86 3.13
C LYS C 474 -4.36 -20.86 3.07
N GLN C 475 -4.99 -19.77 3.51
CA GLN C 475 -6.44 -19.69 3.48
C GLN C 475 -6.96 -19.76 2.05
N ALA C 476 -6.30 -19.05 1.13
CA ALA C 476 -6.72 -19.08 -0.27
C ALA C 476 -6.55 -20.49 -0.85
N LEU C 477 -5.44 -21.16 -0.55
CA LEU C 477 -5.21 -22.50 -1.09
C LEU C 477 -6.26 -23.47 -0.56
N GLU C 478 -6.56 -23.43 0.73
CA GLU C 478 -7.55 -24.33 1.30
C GLU C 478 -8.95 -24.02 0.77
N THR C 479 -9.27 -22.74 0.61
CA THR C 479 -10.57 -22.39 0.05
C THR C 479 -10.71 -22.86 -1.39
N VAL C 480 -9.64 -22.76 -2.17
CA VAL C 480 -9.66 -23.29 -3.53
C VAL C 480 -9.89 -24.79 -3.51
N GLN C 481 -9.10 -25.51 -2.70
CA GLN C 481 -9.25 -26.95 -2.63
C GLN C 481 -10.65 -27.36 -2.20
N ARG C 482 -11.30 -26.55 -1.36
CA ARG C 482 -12.62 -26.90 -0.86
C ARG C 482 -13.75 -26.51 -1.81
N LEU C 483 -13.60 -25.42 -2.57
CA LEU C 483 -14.71 -24.87 -3.33
C LEU C 483 -14.52 -24.86 -4.84
N LEU C 484 -13.40 -25.39 -5.36
CA LEU C 484 -13.20 -25.36 -6.81
C LEU C 484 -14.22 -26.22 -7.56
N PRO C 485 -14.48 -27.47 -7.17
CA PRO C 485 -15.54 -28.22 -7.88
C PRO C 485 -16.90 -27.58 -7.75
N VAL C 486 -17.22 -26.98 -6.59
CA VAL C 486 -18.51 -26.36 -6.40
C VAL C 486 -18.68 -25.15 -7.31
N LEU C 487 -17.66 -24.29 -7.37
CA LEU C 487 -17.72 -23.13 -8.24
C LEU C 487 -17.71 -23.52 -9.71
N CYS C 488 -16.98 -24.59 -10.06
CA CYS C 488 -16.93 -25.02 -11.45
C CYS C 488 -18.16 -25.82 -11.87
N GLN C 489 -19.00 -26.20 -10.91
CA GLN C 489 -20.20 -26.99 -11.20
C GLN C 489 -21.48 -26.22 -10.90
N ALA C 490 -21.61 -25.71 -9.66
CA ALA C 490 -22.88 -25.11 -9.26
C ALA C 490 -23.11 -23.76 -9.92
N HIS C 491 -22.04 -23.01 -10.19
CA HIS C 491 -22.17 -21.66 -10.73
C HIS C 491 -21.55 -21.49 -12.11
N GLY C 492 -20.79 -22.46 -12.59
CA GLY C 492 -20.24 -22.38 -13.93
C GLY C 492 -19.01 -21.52 -14.08
N LEU C 493 -18.37 -21.12 -12.98
CA LEU C 493 -17.14 -20.35 -13.08
C LEU C 493 -15.99 -21.26 -13.54
N THR C 494 -15.20 -20.76 -14.49
CA THR C 494 -14.05 -21.51 -14.97
C THR C 494 -12.95 -21.52 -13.92
N PRO C 495 -12.06 -22.51 -13.96
CA PRO C 495 -10.95 -22.52 -13.00
C PRO C 495 -10.07 -21.28 -13.03
N GLU C 496 -9.89 -20.68 -14.20
CA GLU C 496 -9.09 -19.46 -14.28
C GLU C 496 -9.71 -18.32 -13.47
N GLN C 497 -11.04 -18.21 -13.51
CA GLN C 497 -11.72 -17.18 -12.72
C GLN C 497 -11.52 -17.42 -11.22
N VAL C 498 -11.60 -18.67 -10.78
CA VAL C 498 -11.36 -18.98 -9.37
C VAL C 498 -9.94 -18.64 -8.98
N VAL C 499 -8.98 -18.98 -9.83
CA VAL C 499 -7.57 -18.66 -9.54
C VAL C 499 -7.39 -17.15 -9.46
N ALA C 500 -8.02 -16.41 -10.36
CA ALA C 500 -7.90 -14.95 -10.34
C ALA C 500 -8.50 -14.36 -9.07
N ILE C 501 -9.65 -14.88 -8.64
CA ILE C 501 -10.28 -14.40 -7.41
C ILE C 501 -9.40 -14.70 -6.20
N ALA C 502 -8.82 -15.90 -6.15
CA ALA C 502 -8.08 -16.36 -4.98
C ALA C 502 -6.66 -15.83 -4.91
N SER C 503 -6.23 -14.98 -5.84
CA SER C 503 -4.85 -14.52 -5.92
C SER C 503 -4.68 -13.10 -5.39
N HIS C 504 -5.40 -12.74 -4.32
CA HIS C 504 -5.28 -11.44 -3.69
C HIS C 504 -5.20 -11.60 -2.18
N ASP C 505 -4.85 -10.53 -1.49
CA ASP C 505 -4.75 -10.53 -0.04
C ASP C 505 -6.13 -10.71 0.56
N GLY C 506 -6.39 -11.89 1.11
CA GLY C 506 -7.69 -12.20 1.64
C GLY C 506 -8.61 -12.83 0.61
N GLY C 507 -8.07 -13.77 -0.17
CA GLY C 507 -8.85 -14.43 -1.19
C GLY C 507 -9.88 -15.40 -0.64
N LYS C 508 -9.68 -15.90 0.58
CA LYS C 508 -10.67 -16.80 1.17
C LYS C 508 -11.99 -16.08 1.40
N GLN C 509 -11.94 -14.86 1.96
CA GLN C 509 -13.17 -14.11 2.18
C GLN C 509 -13.85 -13.76 0.87
N ALA C 510 -13.06 -13.39 -0.15
CA ALA C 510 -13.64 -13.09 -1.45
C ALA C 510 -14.31 -14.32 -2.06
N LEU C 511 -13.67 -15.49 -1.95
CA LEU C 511 -14.26 -16.69 -2.51
C LEU C 511 -15.54 -17.09 -1.78
N GLU C 512 -15.54 -17.02 -0.45
CA GLU C 512 -16.75 -17.34 0.29
C GLU C 512 -17.86 -16.35 0.00
N THR C 513 -17.53 -15.06 -0.12
CA THR C 513 -18.52 -14.05 -0.46
C THR C 513 -19.09 -14.30 -1.85
N VAL C 514 -18.24 -14.69 -2.80
CA VAL C 514 -18.72 -15.01 -4.14
C VAL C 514 -19.68 -16.20 -4.07
N GLN C 515 -19.30 -17.25 -3.36
CA GLN C 515 -20.14 -18.42 -3.25
C GLN C 515 -21.49 -18.08 -2.64
N ARG C 516 -21.50 -17.18 -1.65
CA ARG C 516 -22.76 -16.83 -0.99
C ARG C 516 -23.62 -15.88 -1.83
N LEU C 517 -23.01 -14.95 -2.57
CA LEU C 517 -23.74 -13.83 -3.15
C LEU C 517 -23.83 -13.85 -4.67
N LEU C 518 -23.17 -14.79 -5.35
CA LEU C 518 -23.23 -14.80 -6.81
C LEU C 518 -24.62 -15.06 -7.36
N PRO C 519 -25.37 -16.07 -6.91
CA PRO C 519 -26.71 -16.26 -7.47
C PRO C 519 -27.65 -15.08 -7.26
N VAL C 520 -27.63 -14.47 -6.07
CA VAL C 520 -28.57 -13.39 -5.78
C VAL C 520 -28.22 -12.15 -6.59
N LEU C 521 -26.92 -11.83 -6.69
CA LEU C 521 -26.50 -10.70 -7.52
C LEU C 521 -26.81 -10.95 -8.99
N CYS C 522 -26.56 -12.17 -9.48
CA CYS C 522 -26.74 -12.47 -10.89
C CYS C 522 -28.21 -12.51 -11.27
N GLN C 523 -29.09 -12.89 -10.34
CA GLN C 523 -30.52 -13.01 -10.63
C GLN C 523 -31.29 -11.74 -10.30
N ALA C 524 -31.26 -11.29 -9.05
CA ALA C 524 -32.10 -10.17 -8.65
C ALA C 524 -31.62 -8.87 -9.30
N HIS C 525 -30.32 -8.62 -9.30
CA HIS C 525 -29.78 -7.35 -9.76
C HIS C 525 -29.42 -7.33 -11.24
N GLY C 526 -29.53 -8.47 -11.92
CA GLY C 526 -29.29 -8.50 -13.36
C GLY C 526 -27.87 -8.16 -13.77
N LEU C 527 -26.88 -8.75 -13.09
CA LEU C 527 -25.48 -8.58 -13.44
C LEU C 527 -24.93 -9.87 -14.01
N THR C 528 -24.20 -9.75 -15.12
CA THR C 528 -23.53 -10.89 -15.71
C THR C 528 -22.46 -11.42 -14.73
N PRO C 529 -22.30 -12.75 -14.64
CA PRO C 529 -21.29 -13.28 -13.71
C PRO C 529 -19.88 -12.75 -13.96
N GLU C 530 -19.56 -12.34 -15.19
CA GLU C 530 -18.26 -11.73 -15.44
C GLU C 530 -18.10 -10.45 -14.65
N GLN C 531 -19.17 -9.68 -14.50
CA GLN C 531 -19.11 -8.45 -13.70
C GLN C 531 -18.81 -8.74 -12.24
N VAL C 532 -19.43 -9.79 -11.69
CA VAL C 532 -19.18 -10.13 -10.29
C VAL C 532 -17.76 -10.67 -10.13
N VAL C 533 -17.26 -11.43 -11.11
CA VAL C 533 -15.90 -11.92 -11.06
C VAL C 533 -14.91 -10.75 -11.11
N ALA C 534 -15.22 -9.74 -11.92
CA ALA C 534 -14.36 -8.56 -11.98
C ALA C 534 -14.40 -7.77 -10.68
N ILE C 535 -15.58 -7.65 -10.06
CA ILE C 535 -15.69 -6.93 -8.80
C ILE C 535 -14.90 -7.63 -7.71
N ALA C 536 -15.04 -8.96 -7.62
CA ALA C 536 -14.45 -9.72 -6.53
C ALA C 536 -12.95 -9.93 -6.67
N SER C 537 -12.40 -9.73 -7.87
CA SER C 537 -10.99 -10.01 -8.11
C SER C 537 -10.12 -8.83 -7.70
N ASN C 538 -10.25 -8.38 -6.44
CA ASN C 538 -9.47 -7.25 -5.94
C ASN C 538 -9.18 -7.46 -4.47
N GLY C 539 -8.17 -6.75 -3.98
CA GLY C 539 -7.83 -6.79 -2.57
C GLY C 539 -9.00 -6.34 -1.70
N GLY C 540 -9.35 -7.14 -0.71
CA GLY C 540 -10.53 -6.85 0.09
C GLY C 540 -11.80 -6.85 -0.73
N GLY C 541 -11.95 -7.81 -1.63
CA GLY C 541 -13.11 -7.85 -2.51
C GLY C 541 -14.40 -8.21 -1.81
N LYS C 542 -14.33 -8.83 -0.64
CA LYS C 542 -15.54 -9.14 0.12
C LYS C 542 -16.27 -7.87 0.52
N GLN C 543 -15.53 -6.86 0.99
CA GLN C 543 -16.16 -5.60 1.36
C GLN C 543 -16.81 -4.93 0.16
N ALA C 544 -16.13 -4.94 -0.99
CA ALA C 544 -16.70 -4.36 -2.20
C ALA C 544 -17.96 -5.09 -2.63
N LEU C 545 -17.95 -6.42 -2.55
CA LEU C 545 -19.12 -7.19 -2.96
C LEU C 545 -20.31 -6.94 -2.04
N GLU C 546 -20.06 -6.92 -0.72
CA GLU C 546 -21.14 -6.61 0.21
C GLU C 546 -21.67 -5.19 0.00
N THR C 547 -20.77 -4.24 -0.25
CA THR C 547 -21.19 -2.87 -0.49
C THR C 547 -22.04 -2.77 -1.76
N VAL C 548 -21.65 -3.49 -2.81
CA VAL C 548 -22.44 -3.47 -4.04
C VAL C 548 -23.82 -4.07 -3.80
N GLN C 549 -23.86 -5.25 -3.14
CA GLN C 549 -25.13 -5.89 -2.85
C GLN C 549 -26.04 -4.98 -2.04
N ARG C 550 -25.47 -4.21 -1.12
CA ARG C 550 -26.26 -3.30 -0.29
C ARG C 550 -26.68 -2.04 -1.03
N LEU C 551 -25.81 -1.51 -1.90
CA LEU C 551 -25.94 -0.14 -2.38
C LEU C 551 -26.37 -0.03 -3.85
N LEU C 552 -26.52 -1.13 -4.56
CA LEU C 552 -26.91 -1.02 -5.97
C LEU C 552 -28.27 -0.36 -6.15
N PRO C 553 -29.34 -0.78 -5.45
CA PRO C 553 -30.66 -0.16 -5.73
C PRO C 553 -30.71 1.33 -5.44
N VAL C 554 -30.10 1.78 -4.34
CA VAL C 554 -30.17 3.19 -4.00
C VAL C 554 -29.33 4.02 -4.96
N LEU C 555 -28.12 3.57 -5.28
CA LEU C 555 -27.28 4.30 -6.23
C LEU C 555 -27.83 4.23 -7.64
N CYS C 556 -28.77 3.34 -7.92
CA CYS C 556 -29.41 3.33 -9.22
C CYS C 556 -30.65 4.21 -9.28
N GLN C 557 -31.55 4.09 -8.31
CA GLN C 557 -32.83 4.80 -8.36
C GLN C 557 -32.85 6.12 -7.63
N ALA C 558 -31.74 6.54 -7.02
CA ALA C 558 -31.68 7.80 -6.29
C ALA C 558 -30.87 8.85 -7.03
N HIS C 559 -29.72 8.48 -7.58
CA HIS C 559 -28.86 9.39 -8.30
C HIS C 559 -28.79 9.09 -9.80
N GLY C 560 -29.53 8.10 -10.27
CA GLY C 560 -29.58 7.80 -11.69
C GLY C 560 -28.28 7.31 -12.29
N LEU C 561 -27.60 6.38 -11.63
CA LEU C 561 -26.37 5.80 -12.15
C LEU C 561 -26.69 4.46 -12.81
N THR C 562 -26.09 4.23 -13.97
CA THR C 562 -26.23 2.95 -14.64
C THR C 562 -25.48 1.88 -13.84
N PRO C 563 -26.02 0.65 -13.76
CA PRO C 563 -25.30 -0.41 -13.05
C PRO C 563 -23.90 -0.66 -13.58
N GLU C 564 -23.65 -0.41 -14.86
CA GLU C 564 -22.30 -0.49 -15.39
C GLU C 564 -21.38 0.52 -14.70
N GLN C 565 -21.90 1.72 -14.42
CA GLN C 565 -21.12 2.71 -13.69
C GLN C 565 -20.82 2.26 -12.27
N VAL C 566 -21.79 1.62 -11.61
CA VAL C 566 -21.56 1.11 -10.26
C VAL C 566 -20.48 0.03 -10.28
N VAL C 567 -20.54 -0.86 -11.27
CA VAL C 567 -19.51 -1.89 -11.41
C VAL C 567 -18.15 -1.27 -11.70
N ALA C 568 -18.09 -0.25 -12.54
CA ALA C 568 -16.83 0.42 -12.83
C ALA C 568 -16.24 1.08 -11.59
N ILE C 569 -17.10 1.70 -10.77
CA ILE C 569 -16.62 2.33 -9.54
C ILE C 569 -16.14 1.28 -8.54
N ALA C 570 -16.81 0.13 -8.48
CA ALA C 570 -16.52 -0.87 -7.47
C ALA C 570 -15.44 -1.86 -7.86
N SER C 571 -14.90 -1.78 -9.08
CA SER C 571 -13.97 -2.78 -9.58
C SER C 571 -12.52 -2.46 -9.29
N HIS C 572 -12.24 -1.71 -8.22
CA HIS C 572 -10.88 -1.33 -7.85
C HIS C 572 -10.68 -1.54 -6.36
N ASP C 573 -9.41 -1.59 -5.96
CA ASP C 573 -9.07 -1.78 -4.56
C ASP C 573 -9.68 -0.68 -3.70
N GLY C 574 -10.27 -1.06 -2.58
CA GLY C 574 -10.97 -0.10 -1.74
C GLY C 574 -12.21 0.45 -2.41
N GLY C 575 -12.96 -0.39 -3.13
CA GLY C 575 -14.15 0.06 -3.82
C GLY C 575 -15.31 0.36 -2.90
N LYS C 576 -15.33 -0.22 -1.70
CA LYS C 576 -16.37 0.10 -0.74
C LYS C 576 -16.30 1.55 -0.31
N GLN C 577 -15.09 2.04 -0.03
CA GLN C 577 -14.91 3.45 0.32
C GLN C 577 -15.32 4.34 -0.84
N ALA C 578 -14.96 3.96 -2.07
CA ALA C 578 -15.34 4.75 -3.23
C ALA C 578 -16.85 4.82 -3.39
N LEU C 579 -17.54 3.70 -3.20
CA LEU C 579 -19.00 3.68 -3.34
C LEU C 579 -19.67 4.52 -2.26
N GLU C 580 -19.21 4.38 -1.01
CA GLU C 580 -19.79 5.17 0.07
C GLU C 580 -19.54 6.66 -0.15
N THR C 581 -18.34 7.02 -0.59
CA THR C 581 -18.02 8.41 -0.85
C THR C 581 -18.86 8.98 -1.98
N VAL C 582 -19.06 8.18 -3.04
CA VAL C 582 -19.93 8.62 -4.13
C VAL C 582 -21.34 8.87 -3.62
N GLN C 583 -21.87 7.93 -2.83
CA GLN C 583 -23.20 8.12 -2.26
C GLN C 583 -23.29 9.41 -1.47
N ARG C 584 -22.31 9.66 -0.60
CA ARG C 584 -22.39 10.81 0.30
C ARG C 584 -22.12 12.13 -0.42
N LEU C 585 -21.37 12.11 -1.53
CA LEU C 585 -20.89 13.34 -2.14
C LEU C 585 -21.57 13.73 -3.43
N LEU C 586 -22.24 12.80 -4.14
CA LEU C 586 -22.72 13.11 -5.48
C LEU C 586 -23.69 14.29 -5.52
N PRO C 587 -24.73 14.36 -4.69
CA PRO C 587 -25.58 15.57 -4.72
C PRO C 587 -24.82 16.84 -4.39
N VAL C 588 -23.84 16.76 -3.48
CA VAL C 588 -23.04 17.92 -3.12
C VAL C 588 -22.27 18.43 -4.34
N LEU C 589 -21.69 17.51 -5.11
CA LEU C 589 -21.00 17.90 -6.34
C LEU C 589 -21.95 18.25 -7.46
N CYS C 590 -23.24 17.93 -7.33
CA CYS C 590 -24.20 18.30 -8.36
C CYS C 590 -24.73 19.71 -8.16
N GLN C 591 -25.37 19.99 -7.02
CA GLN C 591 -25.97 21.31 -6.86
C GLN C 591 -24.96 22.38 -6.46
N ALA C 592 -24.00 22.05 -5.60
CA ALA C 592 -23.12 23.08 -5.04
C ALA C 592 -21.95 23.44 -5.95
N HIS C 593 -21.64 22.64 -6.96
CA HIS C 593 -20.53 22.94 -7.85
C HIS C 593 -20.83 22.71 -9.32
N GLY C 594 -22.01 22.21 -9.67
CA GLY C 594 -22.36 22.00 -11.07
C GLY C 594 -21.50 20.98 -11.79
N LEU C 595 -21.18 19.87 -11.14
CA LEU C 595 -20.46 18.77 -11.76
C LEU C 595 -21.46 17.69 -12.16
N THR C 596 -21.35 17.23 -13.41
CA THR C 596 -22.22 16.17 -13.88
C THR C 596 -21.92 14.87 -13.15
N PRO C 597 -22.92 13.98 -13.02
CA PRO C 597 -22.64 12.67 -12.41
C PRO C 597 -21.58 11.88 -13.16
N GLU C 598 -21.47 12.05 -14.48
CA GLU C 598 -20.45 11.33 -15.24
C GLU C 598 -19.05 11.74 -14.80
N GLN C 599 -18.83 13.04 -14.56
CA GLN C 599 -17.54 13.49 -14.08
C GLN C 599 -17.23 12.90 -12.69
N VAL C 600 -18.24 12.83 -11.83
CA VAL C 600 -18.04 12.24 -10.51
C VAL C 600 -17.66 10.77 -10.63
N VAL C 601 -18.33 10.03 -11.52
CA VAL C 601 -18.02 8.63 -11.71
C VAL C 601 -16.61 8.46 -12.26
N ALA C 602 -16.22 9.32 -13.21
CA ALA C 602 -14.87 9.26 -13.76
C ALA C 602 -13.82 9.55 -12.70
N ILE C 603 -14.08 10.50 -11.80
CA ILE C 603 -13.16 10.78 -10.71
C ILE C 603 -13.07 9.57 -9.77
N ALA C 604 -14.21 8.95 -9.47
CA ALA C 604 -14.27 7.87 -8.50
C ALA C 604 -13.81 6.53 -9.05
N SER C 605 -13.74 6.36 -10.37
CA SER C 605 -13.37 5.08 -10.96
C SER C 605 -11.85 4.90 -10.96
N ASN C 606 -11.30 4.88 -9.75
CA ASN C 606 -9.86 4.70 -9.56
C ASN C 606 -9.64 4.06 -8.19
N ILE C 607 -8.38 3.72 -7.92
CA ILE C 607 -8.04 3.07 -6.65
C ILE C 607 -8.29 4.03 -5.49
N GLY C 608 -7.80 5.26 -5.59
CA GLY C 608 -8.04 6.26 -4.57
C GLY C 608 -9.23 7.14 -4.87
N GLY C 609 -10.39 6.53 -5.13
CA GLY C 609 -11.56 7.30 -5.49
C GLY C 609 -12.07 8.16 -4.36
N LYS C 610 -12.10 7.62 -3.14
CA LYS C 610 -12.60 8.39 -2.00
C LYS C 610 -11.73 9.61 -1.73
N GLN C 611 -10.41 9.40 -1.70
CA GLN C 611 -9.49 10.50 -1.45
C GLN C 611 -9.57 11.55 -2.57
N ALA C 612 -9.66 11.10 -3.82
CA ALA C 612 -9.77 12.04 -4.93
C ALA C 612 -11.04 12.87 -4.84
N LEU C 613 -12.17 12.22 -4.52
CA LEU C 613 -13.43 12.95 -4.42
C LEU C 613 -13.40 13.95 -3.27
N GLU C 614 -12.88 13.54 -2.11
CA GLU C 614 -12.80 14.44 -0.97
C GLU C 614 -11.88 15.62 -1.27
N THR C 615 -10.74 15.36 -1.90
CA THR C 615 -9.80 16.42 -2.25
C THR C 615 -10.41 17.37 -3.27
N VAL C 616 -11.14 16.84 -4.25
CA VAL C 616 -11.83 17.70 -5.21
C VAL C 616 -12.82 18.61 -4.49
N GLN C 617 -13.62 18.03 -3.59
CA GLN C 617 -14.60 18.83 -2.86
C GLN C 617 -13.93 19.92 -2.04
N ARG C 618 -12.79 19.60 -1.43
CA ARG C 618 -12.16 20.56 -0.52
C ARG C 618 -11.38 21.63 -1.28
N LEU C 619 -10.82 21.31 -2.44
CA LEU C 619 -9.92 22.21 -3.15
C LEU C 619 -10.49 22.77 -4.45
N LEU C 620 -11.76 22.50 -4.76
CA LEU C 620 -12.33 23.09 -5.96
C LEU C 620 -12.38 24.62 -5.93
N PRO C 621 -12.91 25.27 -4.88
CA PRO C 621 -12.98 26.73 -4.93
C PRO C 621 -11.62 27.42 -4.96
N VAL C 622 -10.66 26.94 -4.16
CA VAL C 622 -9.36 27.60 -4.12
C VAL C 622 -8.64 27.49 -5.45
N LEU C 623 -8.64 26.29 -6.06
CA LEU C 623 -7.97 26.14 -7.35
C LEU C 623 -8.72 26.85 -8.46
N CYS C 624 -10.04 26.95 -8.37
CA CYS C 624 -10.82 27.61 -9.41
C CYS C 624 -10.82 29.13 -9.28
N GLN C 625 -10.48 29.67 -8.12
CA GLN C 625 -10.51 31.12 -7.92
C GLN C 625 -9.14 31.75 -7.68
N ALA C 626 -8.38 31.28 -6.70
CA ALA C 626 -7.12 31.90 -6.32
C ALA C 626 -5.92 31.36 -7.11
N HIS C 627 -6.13 30.37 -7.98
CA HIS C 627 -5.06 29.82 -8.79
C HIS C 627 -5.32 29.90 -10.28
N GLY C 628 -6.50 30.33 -10.71
CA GLY C 628 -6.80 30.45 -12.13
C GLY C 628 -6.85 29.14 -12.88
N LEU C 629 -7.50 28.12 -12.32
CA LEU C 629 -7.66 26.84 -12.97
C LEU C 629 -9.14 26.59 -13.26
N THR C 630 -9.45 26.18 -14.48
CA THR C 630 -10.82 25.83 -14.82
C THR C 630 -11.20 24.53 -14.10
N PRO C 631 -12.46 24.38 -13.67
CA PRO C 631 -12.86 23.13 -13.03
C PRO C 631 -12.66 21.90 -13.91
N GLU C 632 -12.73 22.05 -15.23
CA GLU C 632 -12.48 20.92 -16.12
C GLU C 632 -11.05 20.42 -15.97
N GLN C 633 -10.09 21.34 -15.83
CA GLN C 633 -8.71 20.94 -15.60
C GLN C 633 -8.57 20.23 -14.26
N VAL C 634 -9.31 20.68 -13.25
CA VAL C 634 -9.28 20.02 -11.94
C VAL C 634 -9.79 18.59 -12.06
N VAL C 635 -10.89 18.40 -12.79
CA VAL C 635 -11.45 17.06 -12.99
C VAL C 635 -10.45 16.19 -13.75
N ALA C 636 -9.80 16.76 -14.77
CA ALA C 636 -8.82 15.99 -15.54
C ALA C 636 -7.65 15.58 -14.66
N ILE C 637 -7.17 16.47 -13.79
CA ILE C 637 -6.07 16.13 -12.91
C ILE C 637 -6.48 15.05 -11.91
N ALA C 638 -7.68 15.17 -11.35
CA ALA C 638 -8.13 14.23 -10.34
C ALA C 638 -8.51 12.87 -10.90
N SER C 639 -8.89 12.79 -12.18
CA SER C 639 -9.34 11.53 -12.79
C SER C 639 -8.13 10.65 -13.15
N ASN C 640 -7.33 10.37 -12.13
CA ASN C 640 -6.13 9.55 -12.30
C ASN C 640 -5.83 8.85 -10.97
N ILE C 641 -5.04 7.79 -11.05
CA ILE C 641 -4.65 7.06 -9.85
C ILE C 641 -3.77 7.96 -8.99
N GLY C 642 -4.06 8.01 -7.70
CA GLY C 642 -3.39 8.95 -6.82
C GLY C 642 -3.69 10.40 -7.14
N GLY C 643 -4.96 10.71 -7.41
CA GLY C 643 -5.31 12.07 -7.81
C GLY C 643 -5.28 13.06 -6.66
N LYS C 644 -5.44 12.58 -5.43
CA LYS C 644 -5.35 13.48 -4.28
C LYS C 644 -3.97 14.09 -4.17
N GLN C 645 -2.93 13.26 -4.29
CA GLN C 645 -1.56 13.75 -4.24
C GLN C 645 -1.28 14.71 -5.39
N ALA C 646 -1.77 14.39 -6.59
CA ALA C 646 -1.58 15.26 -7.73
C ALA C 646 -2.22 16.62 -7.51
N LEU C 647 -3.44 16.64 -6.98
CA LEU C 647 -4.13 17.90 -6.73
C LEU C 647 -3.42 18.72 -5.67
N GLU C 648 -2.99 18.07 -4.59
CA GLU C 648 -2.27 18.80 -3.53
C GLU C 648 -0.95 19.35 -4.05
N THR C 649 -0.23 18.56 -4.85
CA THR C 649 1.03 19.03 -5.41
C THR C 649 0.82 20.19 -6.37
N VAL C 650 -0.25 20.15 -7.16
CA VAL C 650 -0.57 21.29 -8.02
C VAL C 650 -0.83 22.53 -7.18
N GLN C 651 -1.64 22.39 -6.13
CA GLN C 651 -1.91 23.52 -5.25
C GLN C 651 -0.62 24.10 -4.68
N ARG C 652 0.29 23.23 -4.27
CA ARG C 652 1.50 23.70 -3.60
C ARG C 652 2.49 24.33 -4.58
N LEU C 653 2.66 23.74 -5.77
CA LEU C 653 3.75 24.10 -6.65
C LEU C 653 3.32 24.90 -7.88
N LEU C 654 2.04 25.25 -8.01
CA LEU C 654 1.65 26.09 -9.15
C LEU C 654 2.25 27.49 -9.08
N PRO C 655 2.22 28.22 -7.96
CA PRO C 655 2.78 29.58 -7.97
C PRO C 655 4.27 29.62 -8.20
N VAL C 656 5.03 28.73 -7.57
CA VAL C 656 6.49 28.77 -7.70
C VAL C 656 6.89 28.39 -9.12
N LEU C 657 6.21 27.42 -9.73
CA LEU C 657 6.55 27.04 -11.09
C LEU C 657 6.12 28.11 -12.09
N CYS C 658 4.95 28.72 -11.88
CA CYS C 658 4.43 29.67 -12.84
C CYS C 658 5.13 31.02 -12.78
N GLN C 659 5.53 31.46 -11.59
CA GLN C 659 6.09 32.79 -11.43
C GLN C 659 7.61 32.80 -11.47
N ALA C 660 8.26 31.92 -10.70
CA ALA C 660 9.72 31.93 -10.64
C ALA C 660 10.33 31.43 -11.94
N HIS C 661 9.82 30.34 -12.49
CA HIS C 661 10.39 29.73 -13.69
C HIS C 661 9.62 30.07 -14.96
N GLY C 662 8.55 30.85 -14.87
CA GLY C 662 7.84 31.28 -16.07
C GLY C 662 7.21 30.17 -16.88
N LEU C 663 6.51 29.26 -16.22
CA LEU C 663 5.79 28.19 -16.90
C LEU C 663 4.30 28.53 -16.95
N THR C 664 3.65 28.18 -18.05
CA THR C 664 2.22 28.38 -18.17
C THR C 664 1.47 27.37 -17.29
N PRO C 665 0.31 27.74 -16.77
CA PRO C 665 -0.49 26.76 -16.00
C PRO C 665 -0.92 25.57 -16.84
N GLU C 666 -1.08 25.74 -18.15
CA GLU C 666 -1.49 24.63 -19.00
C GLU C 666 -0.46 23.52 -18.99
N GLN C 667 0.84 23.87 -19.02
CA GLN C 667 1.88 22.85 -18.98
C GLN C 667 1.88 22.11 -17.64
N VAL C 668 1.67 22.84 -16.54
CA VAL C 668 1.60 22.19 -15.23
C VAL C 668 0.43 21.23 -15.17
N VAL C 669 -0.73 21.66 -15.69
CA VAL C 669 -1.90 20.78 -15.70
C VAL C 669 -1.64 19.55 -16.54
N ALA C 670 -1.03 19.72 -17.71
CA ALA C 670 -0.73 18.58 -18.57
C ALA C 670 0.25 17.62 -17.92
N ILE C 671 1.26 18.15 -17.22
CA ILE C 671 2.21 17.30 -16.52
C ILE C 671 1.52 16.52 -15.41
N ALA C 672 0.64 17.19 -14.65
CA ALA C 672 -0.03 16.55 -13.53
C ALA C 672 -1.20 15.68 -13.94
N SER C 673 -1.65 15.75 -15.19
CA SER C 673 -2.80 14.98 -15.64
C SER C 673 -2.46 13.54 -16.01
N ASN C 674 -1.21 13.11 -15.81
CA ASN C 674 -0.78 11.76 -16.12
C ASN C 674 -0.72 10.91 -14.86
N GLY C 675 -0.75 9.61 -15.05
CA GLY C 675 -0.64 8.69 -13.92
C GLY C 675 0.69 8.88 -13.20
N GLY C 676 0.62 8.97 -11.87
CA GLY C 676 1.80 9.26 -11.08
C GLY C 676 2.36 10.64 -11.37
N GLY C 677 1.49 11.64 -11.41
CA GLY C 677 1.94 12.99 -11.70
C GLY C 677 2.65 13.67 -10.55
N ARG C 678 2.43 13.22 -9.33
CA ARG C 678 3.11 13.83 -8.18
C ARG C 678 4.63 13.66 -8.26
N PRO C 679 5.19 12.46 -8.47
CA PRO C 679 6.65 12.37 -8.61
C PRO C 679 7.17 13.15 -9.80
N ALA C 680 6.42 13.22 -10.90
CA ALA C 680 6.87 13.99 -12.05
C ALA C 680 6.97 15.47 -11.72
N LEU C 681 5.95 16.01 -11.05
CA LEU C 681 5.99 17.42 -10.65
C LEU C 681 7.10 17.68 -9.64
N GLU C 682 7.30 16.78 -8.68
CA GLU C 682 8.35 16.98 -7.70
C GLU C 682 9.73 16.93 -8.35
N ALA C 683 9.94 16.01 -9.29
CA ALA C 683 11.20 15.93 -10.00
C ALA C 683 11.43 17.17 -10.85
N LEU C 684 10.37 17.67 -11.50
CA LEU C 684 10.51 18.88 -12.30
C LEU C 684 10.88 20.07 -11.43
N HIS C 685 10.24 20.21 -10.27
CA HIS C 685 10.59 21.29 -9.36
C HIS C 685 12.03 21.16 -8.88
N ALA C 686 12.45 19.93 -8.56
CA ALA C 686 13.82 19.72 -8.09
C ALA C 686 14.83 20.08 -9.16
N VAL C 687 14.59 19.67 -10.41
CA VAL C 687 15.56 19.94 -11.47
C VAL C 687 15.56 21.40 -11.85
N LEU C 688 14.41 22.08 -11.76
CA LEU C 688 14.36 23.49 -12.10
C LEU C 688 15.00 24.35 -11.02
N THR C 689 14.86 23.97 -9.75
CA THR C 689 15.41 24.79 -8.68
C THR C 689 16.93 24.63 -8.56
N ASP C 690 17.45 23.44 -8.87
CA ASP C 690 18.89 23.22 -8.80
C ASP C 690 19.24 21.99 -9.64
N GLY C 691 20.47 21.97 -10.14
CA GLY C 691 20.94 20.85 -10.94
C GLY C 691 21.81 21.30 -12.09
N PRO C 692 22.10 20.39 -13.01
CA PRO C 692 22.94 20.73 -14.17
C PRO C 692 22.25 21.72 -15.09
N GLU C 693 23.06 22.52 -15.77
CA GLU C 693 22.51 23.44 -16.76
C GLU C 693 21.88 22.70 -17.92
N GLU C 694 22.55 21.65 -18.42
CA GLU C 694 22.02 20.89 -19.54
C GLU C 694 20.76 20.11 -19.15
N ALA C 695 20.72 19.60 -17.92
CA ALA C 695 19.51 18.91 -17.45
C ALA C 695 18.34 19.87 -17.39
N LYS C 696 18.57 21.09 -16.87
CA LYS C 696 17.51 22.09 -16.83
C LYS C 696 17.06 22.47 -18.24
N TYR C 697 18.01 22.64 -19.16
CA TYR C 697 17.68 22.98 -20.54
C TYR C 697 16.82 21.90 -21.18
N GLU C 698 17.22 20.64 -21.02
CA GLU C 698 16.46 19.53 -21.59
C GLU C 698 15.08 19.41 -20.96
N ALA C 699 14.98 19.57 -19.64
CA ALA C 699 13.68 19.49 -18.98
C ALA C 699 12.76 20.61 -19.45
N LEU C 700 13.31 21.82 -19.61
CA LEU C 700 12.49 22.94 -20.05
C LEU C 700 12.04 22.77 -21.50
N MET C 701 12.91 22.29 -22.38
CA MET C 701 12.52 22.14 -23.78
C MET C 701 11.59 20.95 -23.98
N ARG C 702 11.72 19.90 -23.16
CA ARG C 702 10.88 18.73 -23.33
C ARG C 702 9.40 19.04 -23.12
N LEU C 703 9.08 20.12 -22.42
CA LEU C 703 7.68 20.47 -22.21
C LEU C 703 7.03 20.97 -23.50
N GLY C 704 7.82 21.44 -24.46
CA GLY C 704 7.31 21.88 -25.74
C GLY C 704 7.01 23.36 -25.77
N GLY C 705 7.05 23.91 -26.98
CA GLY C 705 6.74 25.31 -27.17
C GLY C 705 7.85 26.27 -26.80
N ALA C 706 9.07 25.77 -26.62
CA ALA C 706 10.21 26.60 -26.22
C ALA C 706 11.20 26.68 -27.37
N LEU C 707 11.61 27.88 -27.71
CA LEU C 707 12.55 28.13 -28.80
C LEU C 707 13.87 28.62 -28.22
N ALA C 708 14.96 27.92 -28.56
CA ALA C 708 16.30 28.32 -28.08
C ALA C 708 17.14 28.82 -29.26
N ILE C 709 18.13 29.67 -29.00
CA ILE C 709 18.99 30.22 -30.08
C ILE C 709 20.43 30.32 -29.58
N ARG C 710 21.40 29.93 -30.43
CA ARG C 710 22.83 29.98 -30.04
C ARG C 710 23.62 30.81 -31.07
N ILE C 711 23.02 31.88 -31.59
CA ILE C 711 23.75 32.78 -32.54
C ILE C 711 24.99 33.33 -31.83
N SER C 712 26.05 33.65 -32.57
CA SER C 712 27.32 34.08 -31.93
C SER C 712 27.89 35.33 -32.61
N ASP C 713 28.97 35.89 -32.07
CA ASP C 713 29.60 37.09 -32.64
C ASP C 713 28.64 38.27 -32.54
N ASN C 714 29.10 39.47 -32.88
CA ASN C 714 28.22 40.63 -32.84
C ASN C 714 27.38 40.72 -34.10
N SER C 715 28.01 41.06 -35.23
CA SER C 715 27.43 40.98 -36.58
C SER C 715 25.94 41.38 -36.58
N GLU C 716 25.72 42.65 -36.25
CA GLU C 716 24.41 43.16 -35.85
C GLU C 716 23.26 42.65 -36.72
N LYS C 717 23.54 42.30 -37.98
CA LYS C 717 22.48 41.84 -38.87
C LYS C 717 21.76 40.62 -38.31
N GLN C 718 22.51 39.60 -37.89
CA GLN C 718 21.82 38.43 -37.38
C GLN C 718 21.29 38.65 -35.96
N ILE C 719 21.81 39.65 -35.24
CA ILE C 719 21.16 40.05 -34.00
C ILE C 719 19.76 40.57 -34.29
N ASN C 720 19.62 41.41 -35.33
CA ASN C 720 18.31 41.88 -35.74
C ASN C 720 17.41 40.72 -36.16
N THR C 721 17.96 39.77 -36.93
CA THR C 721 17.15 38.64 -37.37
C THR C 721 16.70 37.79 -36.18
N ALA C 722 17.58 37.59 -35.20
CA ALA C 722 17.21 36.82 -34.02
C ALA C 722 16.13 37.54 -33.21
N ILE C 723 16.25 38.87 -33.07
CA ILE C 723 15.22 39.63 -32.39
C ILE C 723 13.89 39.49 -33.13
N ASN C 724 13.93 39.53 -34.47
CA ASN C 724 12.71 39.35 -35.24
C ASN C 724 12.11 37.95 -35.04
N LEU C 725 12.97 36.94 -34.97
CA LEU C 725 12.49 35.57 -34.75
C LEU C 725 11.83 35.44 -33.37
N ILE C 726 12.45 36.03 -32.36
CA ILE C 726 11.84 36.03 -31.02
C ILE C 726 10.50 36.76 -31.04
N LYS C 727 10.45 37.89 -31.74
CA LYS C 727 9.18 38.62 -31.89
C LYS C 727 8.11 37.75 -32.53
N ASN C 728 8.47 37.04 -33.60
CA ASN C 728 7.50 36.20 -34.30
C ASN C 728 7.02 35.07 -33.42
N HIS C 729 7.92 34.43 -32.68
CA HIS C 729 7.50 33.36 -31.78
C HIS C 729 6.58 33.89 -30.68
N ALA C 730 6.92 35.05 -30.11
CA ALA C 730 6.08 35.64 -29.07
C ALA C 730 4.70 35.98 -29.62
N LYS C 731 4.64 36.53 -30.83
CA LYS C 731 3.34 36.83 -31.45
C LYS C 731 2.55 35.55 -31.71
N SER C 732 3.22 34.49 -32.16
CA SER C 732 2.55 33.22 -32.37
C SER C 732 2.01 32.66 -31.05
N LYS C 733 2.68 32.97 -29.95
CA LYS C 733 2.18 32.58 -28.63
C LYS C 733 1.15 33.56 -28.07
N GLY C 734 0.84 34.63 -28.78
CA GLY C 734 -0.13 35.61 -28.31
C GLY C 734 0.37 36.52 -27.21
N VAL C 735 1.68 36.65 -27.04
CA VAL C 735 2.27 37.49 -26.01
C VAL C 735 3.11 38.56 -26.67
N GLU C 736 2.95 39.81 -26.23
CA GLU C 736 3.76 40.92 -26.71
C GLU C 736 4.96 41.11 -25.81
N LEU C 737 6.15 41.08 -26.40
CA LEU C 737 7.39 41.08 -25.63
C LEU C 737 7.84 42.47 -25.20
N SER C 738 7.25 43.53 -25.77
CA SER C 738 7.53 44.91 -25.42
C SER C 738 8.98 45.29 -25.74
N GLU C 739 9.30 46.59 -25.62
CA GLU C 739 10.62 47.06 -26.02
C GLU C 739 11.66 46.89 -24.92
N GLU C 740 11.24 46.92 -23.66
CA GLU C 740 12.19 46.75 -22.57
C GLU C 740 12.85 45.38 -22.62
N ASP C 741 12.07 44.33 -22.90
CA ASP C 741 12.66 43.00 -23.01
C ASP C 741 13.49 42.87 -24.28
N ILE C 742 13.14 43.63 -25.33
CA ILE C 742 13.99 43.68 -26.52
C ILE C 742 15.37 44.21 -26.16
N LYS C 743 15.41 45.32 -25.42
CA LYS C 743 16.69 45.88 -25.01
C LYS C 743 17.44 44.92 -24.08
N LYS C 744 16.71 44.26 -23.17
CA LYS C 744 17.35 43.31 -22.27
C LYS C 744 17.99 42.16 -23.04
N VAL C 745 17.26 41.55 -23.98
CA VAL C 745 17.80 40.42 -24.73
C VAL C 745 18.93 40.87 -25.65
N GLU C 746 18.85 42.08 -26.22
CA GLU C 746 19.94 42.58 -27.03
C GLU C 746 21.21 42.76 -26.19
N LYS C 747 21.06 43.30 -24.98
CA LYS C 747 22.20 43.45 -24.09
C LYS C 747 22.79 42.09 -23.72
N ILE C 748 21.93 41.11 -23.44
CA ILE C 748 22.43 39.78 -23.09
C ILE C 748 23.19 39.18 -24.27
N LEU C 749 22.65 39.31 -25.48
CA LEU C 749 23.32 38.75 -26.65
C LEU C 749 24.65 39.44 -26.91
N LYS C 750 24.70 40.76 -26.76
CA LYS C 750 25.92 41.51 -27.03
C LYS C 750 26.98 41.36 -25.95
N GLU C 751 26.58 41.05 -24.71
CA GLU C 751 27.52 40.98 -23.61
C GLU C 751 27.99 39.57 -23.27
N ASN C 752 27.26 38.54 -23.69
CA ASN C 752 27.62 37.15 -23.41
C ASN C 752 27.88 36.43 -24.72
N PRO C 753 29.14 36.24 -25.10
CA PRO C 753 29.44 35.49 -26.32
C PRO C 753 29.03 34.03 -26.19
N GLY C 754 28.52 33.48 -27.28
CA GLY C 754 28.14 32.07 -27.31
C GLY C 754 27.07 31.70 -26.30
N VAL C 755 26.09 32.58 -26.10
CA VAL C 755 25.04 32.36 -25.13
C VAL C 755 23.84 31.74 -25.82
N VAL C 756 23.21 30.79 -25.15
CA VAL C 756 22.02 30.11 -25.65
C VAL C 756 20.82 30.61 -24.87
N LEU C 757 19.79 31.04 -25.58
CA LEU C 757 18.58 31.57 -24.98
C LEU C 757 17.53 30.48 -24.84
N LEU C 758 16.34 30.88 -24.41
CA LEU C 758 15.20 29.98 -24.34
C LEU C 758 13.95 30.82 -24.19
N LEU C 759 12.99 30.66 -25.11
CA LEU C 759 11.75 31.43 -25.10
C LEU C 759 10.61 30.50 -24.74
N THR C 760 10.23 30.48 -23.46
CA THR C 760 9.13 29.64 -23.01
C THR C 760 7.81 30.21 -23.52
N PRO C 761 6.77 29.37 -23.62
CA PRO C 761 5.47 29.87 -24.09
C PRO C 761 4.90 30.99 -23.25
N SER C 762 5.20 31.03 -21.95
CA SER C 762 4.72 32.11 -21.10
C SER C 762 5.27 33.47 -21.52
N GLY C 763 6.55 33.54 -21.88
CA GLY C 763 7.17 34.78 -22.30
C GLY C 763 8.48 35.10 -21.62
N LYS C 764 8.85 34.36 -20.57
CA LYS C 764 10.12 34.60 -19.90
C LYS C 764 11.27 34.06 -20.74
N ILE C 765 12.37 34.81 -20.77
CA ILE C 765 13.53 34.43 -21.57
C ILE C 765 14.63 33.90 -20.65
N HIS C 766 14.65 32.58 -20.44
CA HIS C 766 15.71 31.96 -19.67
C HIS C 766 17.04 32.07 -20.41
N VAL C 767 18.10 32.38 -19.67
CA VAL C 767 19.42 32.57 -20.24
C VAL C 767 20.37 31.58 -19.58
N PHE C 768 21.13 30.85 -20.41
CA PHE C 768 22.10 29.90 -19.93
C PHE C 768 23.51 30.36 -20.31
N PRO C 769 24.46 30.38 -19.38
CA PRO C 769 25.81 30.86 -19.70
C PRO C 769 26.52 29.99 -20.72
N SER C 770 26.58 28.68 -20.47
CA SER C 770 27.25 27.75 -21.35
C SER C 770 26.76 26.34 -21.06
N ILE C 771 26.42 25.59 -22.12
CA ILE C 771 25.99 24.21 -21.96
C ILE C 771 26.92 23.27 -22.72
N SER C 772 26.93 23.38 -24.05
CA SER C 772 27.86 22.64 -24.90
C SER C 772 27.65 23.11 -26.33
N TRP C 773 28.71 23.02 -27.12
CA TRP C 773 28.69 23.37 -28.53
C TRP C 773 28.47 22.16 -29.44
N SER C 774 28.18 21.00 -28.88
CA SER C 774 27.99 19.78 -29.63
C SER C 774 26.71 19.09 -29.20
N LEU C 775 26.21 18.22 -30.06
CA LEU C 775 25.01 17.46 -29.74
C LEU C 775 25.27 16.50 -28.58
N PRO C 776 24.34 16.37 -27.64
CA PRO C 776 24.56 15.49 -26.49
C PRO C 776 24.42 14.03 -26.87
N GLU C 777 24.76 13.17 -25.91
CA GLU C 777 24.68 11.73 -26.11
C GLU C 777 23.25 11.29 -26.30
N TYR C 778 23.05 10.26 -27.13
CA TYR C 778 21.71 9.74 -27.41
C TYR C 778 21.30 8.79 -26.29
N ASP C 779 20.18 9.11 -25.64
CA ASP C 779 19.69 8.33 -24.52
C ASP C 779 18.70 7.24 -24.94
N GLY C 780 18.44 7.09 -26.23
CA GLY C 780 17.62 6.01 -26.74
C GLY C 780 16.18 6.38 -27.04
N THR C 781 15.66 7.45 -26.47
CA THR C 781 14.29 7.87 -26.73
C THR C 781 14.15 9.35 -27.06
N THR C 782 15.11 10.18 -26.65
CA THR C 782 15.07 11.61 -26.90
C THR C 782 16.08 11.95 -27.99
N THR C 783 15.63 12.63 -29.03
CA THR C 783 16.47 13.05 -30.15
C THR C 783 16.55 14.57 -30.16
N HIS C 784 17.77 15.09 -30.23
CA HIS C 784 18.01 16.53 -30.24
C HIS C 784 18.47 16.97 -31.62
N GLY C 785 18.01 18.13 -32.06
CA GLY C 785 18.41 18.67 -33.34
C GLY C 785 18.60 20.17 -33.27
N VAL C 786 19.44 20.68 -34.17
CA VAL C 786 19.76 22.10 -34.23
C VAL C 786 19.63 22.56 -35.68
N LEU C 787 18.76 23.55 -35.90
CA LEU C 787 18.55 24.12 -37.23
C LEU C 787 19.53 25.28 -37.44
N VAL C 788 20.66 24.99 -38.06
CA VAL C 788 21.69 25.97 -38.35
C VAL C 788 21.34 26.64 -39.68
N LEU C 789 21.07 27.93 -39.65
CA LEU C 789 20.81 28.66 -40.88
C LEU C 789 22.13 29.04 -41.55
N ASP C 790 22.02 29.61 -42.75
CA ASP C 790 23.21 30.06 -43.46
C ASP C 790 23.81 31.29 -42.79
N ASP C 791 22.96 32.15 -42.22
CA ASP C 791 23.46 33.37 -41.58
C ASP C 791 24.32 33.05 -40.37
N GLY C 792 23.91 32.07 -39.56
CA GLY C 792 24.71 31.68 -38.41
C GLY C 792 23.90 31.31 -37.20
N THR C 793 22.61 31.66 -37.18
CA THR C 793 21.76 31.35 -36.05
C THR C 793 21.60 29.84 -35.91
N GLN C 794 21.58 29.37 -34.67
CA GLN C 794 21.35 27.96 -34.36
C GLN C 794 20.11 27.84 -33.50
N ILE C 795 19.13 27.10 -33.99
CA ILE C 795 17.83 26.96 -33.34
C ILE C 795 17.67 25.52 -32.87
N GLY C 796 17.57 25.32 -31.57
CA GLY C 796 17.48 23.99 -31.02
C GLY C 796 16.11 23.37 -31.19
N PHE C 797 16.08 22.05 -31.21
CA PHE C 797 14.84 21.29 -31.34
C PHE C 797 14.99 19.98 -30.57
N THR C 798 13.87 19.43 -30.16
CA THR C 798 13.84 18.17 -29.43
C THR C 798 12.66 17.33 -29.90
N SER C 799 12.90 16.04 -30.09
CA SER C 799 11.87 15.14 -30.57
C SER C 799 10.74 15.00 -29.55
N GLY C 800 9.55 14.73 -30.05
CA GLY C 800 8.37 14.59 -29.22
C GLY C 800 7.54 15.87 -29.16
N ASN C 801 6.30 15.71 -28.72
CA ASN C 801 5.34 16.81 -28.60
C ASN C 801 5.18 17.54 -29.93
N GLY C 802 4.71 16.79 -30.93
CA GLY C 802 4.57 17.30 -32.27
C GLY C 802 3.32 18.14 -32.46
N ASP C 803 3.13 18.57 -33.69
CA ASP C 803 2.00 19.43 -34.05
C ASP C 803 0.71 18.63 -33.96
N PRO C 804 -0.28 19.04 -33.16
CA PRO C 804 -1.54 18.30 -33.10
C PRO C 804 -2.31 18.31 -34.41
N ARG C 805 -2.05 19.25 -35.32
CA ARG C 805 -2.78 19.31 -36.57
C ARG C 805 -2.50 18.07 -37.43
N TYR C 806 -1.27 17.59 -37.43
CA TYR C 806 -0.85 16.42 -38.19
C TYR C 806 -0.75 15.18 -37.30
N THR C 807 -1.68 15.05 -36.35
CA THR C 807 -1.67 13.91 -35.44
C THR C 807 -1.77 12.57 -36.16
N ASN C 808 -2.59 12.48 -37.21
CA ASN C 808 -2.72 11.22 -37.93
C ASN C 808 -1.42 10.83 -38.63
N TYR C 809 -0.58 11.80 -38.97
CA TYR C 809 0.73 11.49 -39.52
C TYR C 809 1.60 10.81 -38.47
N ARG C 810 2.34 9.79 -38.90
CA ARG C 810 3.06 8.92 -37.99
C ARG C 810 4.40 9.50 -37.55
N ASN C 811 4.89 10.55 -38.21
CA ASN C 811 6.16 11.15 -37.84
C ASN C 811 6.00 12.29 -36.84
N ASN C 812 4.80 12.51 -36.32
CA ASN C 812 4.54 13.67 -35.48
C ASN C 812 5.46 13.67 -34.27
N GLY C 813 6.39 14.63 -34.25
CA GLY C 813 7.37 14.74 -33.19
C GLY C 813 8.81 14.69 -33.63
N HIS C 814 9.11 14.16 -34.81
CA HIS C 814 10.48 14.10 -35.29
C HIS C 814 11.03 15.49 -35.56
N VAL C 815 12.35 15.61 -35.40
CA VAL C 815 13.01 16.91 -35.48
C VAL C 815 12.96 17.46 -36.90
N ALA C 816 13.07 16.59 -37.91
CA ALA C 816 13.00 17.06 -39.29
C ALA C 816 11.65 17.70 -39.59
N GLN C 817 10.57 17.12 -39.06
CA GLN C 817 9.26 17.73 -39.23
C GLN C 817 9.18 19.11 -38.57
N LYS C 818 9.72 19.23 -37.36
CA LYS C 818 9.70 20.53 -36.69
C LYS C 818 10.48 21.56 -37.48
N SER C 819 11.63 21.16 -38.03
CA SER C 819 12.41 22.06 -38.86
C SER C 819 11.62 22.48 -40.10
N ALA C 820 10.93 21.53 -40.73
CA ALA C 820 10.18 21.85 -41.94
C ALA C 820 9.06 22.84 -41.64
N LEU C 821 8.29 22.61 -40.57
CA LEU C 821 7.25 23.56 -40.20
C LEU C 821 7.83 24.91 -39.81
N TYR C 822 8.98 24.94 -39.13
CA TYR C 822 9.58 26.22 -38.79
C TYR C 822 9.99 26.99 -40.03
N MET C 823 10.56 26.32 -41.02
CA MET C 823 10.88 26.98 -42.28
C MET C 823 9.63 27.47 -42.98
N ARG C 824 8.57 26.65 -42.99
CA ARG C 824 7.35 27.03 -43.68
C ARG C 824 6.69 28.25 -43.04
N GLU C 825 6.68 28.31 -41.70
CA GLU C 825 6.01 29.41 -41.02
C GLU C 825 6.77 30.72 -41.17
N ASN C 826 8.09 30.70 -40.96
CA ASN C 826 8.89 31.91 -40.95
C ASN C 826 9.53 32.22 -42.30
N ASN C 827 9.22 31.45 -43.34
CA ASN C 827 9.74 31.67 -44.69
C ASN C 827 11.28 31.61 -44.69
N ILE C 828 11.81 30.44 -44.33
CA ILE C 828 13.24 30.18 -44.34
C ILE C 828 13.59 29.49 -45.65
N SER C 829 14.53 30.05 -46.40
CA SER C 829 14.85 29.54 -47.73
C SER C 829 15.67 28.26 -47.65
N ASN C 830 16.87 28.34 -47.05
CA ASN C 830 17.80 27.21 -47.02
C ASN C 830 18.37 27.07 -45.63
N ALA C 831 18.55 25.84 -45.19
CA ALA C 831 19.09 25.54 -43.87
C ALA C 831 19.49 24.07 -43.82
N THR C 832 20.20 23.72 -42.76
CA THR C 832 20.60 22.34 -42.51
C THR C 832 20.16 21.93 -41.11
N VAL C 833 20.27 20.63 -40.83
CA VAL C 833 19.91 20.07 -39.54
C VAL C 833 21.05 19.15 -39.10
N TYR C 834 21.17 18.98 -37.78
CA TYR C 834 22.08 17.99 -37.21
C TYR C 834 21.38 17.33 -36.04
N HIS C 835 21.18 16.03 -36.13
CA HIS C 835 20.60 15.25 -35.04
C HIS C 835 21.59 14.19 -34.57
N ASN C 836 21.38 13.71 -33.35
CA ASN C 836 22.29 12.76 -32.72
C ASN C 836 21.64 11.38 -32.55
N ASN C 837 20.60 11.07 -33.32
CA ASN C 837 20.02 9.75 -33.28
C ASN C 837 21.02 8.73 -33.84
N THR C 838 21.26 7.66 -33.07
CA THR C 838 22.21 6.64 -33.49
C THR C 838 21.61 5.65 -34.48
N ASN C 839 20.30 5.64 -34.65
CA ASN C 839 19.64 4.75 -35.59
C ASN C 839 19.49 5.35 -36.98
N GLY C 840 19.92 6.60 -37.18
CA GLY C 840 19.75 7.27 -38.44
C GLY C 840 18.35 7.81 -38.62
N THR C 841 18.13 8.50 -39.75
CA THR C 841 16.79 9.09 -40.05
C THR C 841 15.76 7.96 -40.22
N CYS C 842 14.54 8.17 -39.73
CA CYS C 842 13.47 7.14 -39.83
C CYS C 842 13.05 6.96 -41.29
N GLY C 843 12.51 5.77 -41.62
CA GLY C 843 12.10 5.48 -43.00
C GLY C 843 10.83 6.22 -43.41
N TYR C 844 10.13 6.84 -42.45
CA TYR C 844 8.95 7.61 -42.80
C TYR C 844 9.32 9.06 -43.13
N CYS C 845 10.29 9.61 -42.40
CA CYS C 845 10.65 11.01 -42.53
C CYS C 845 11.14 11.37 -43.93
N ASN C 846 11.91 10.50 -44.58
CA ASN C 846 12.52 10.84 -45.87
C ASN C 846 11.48 11.29 -46.88
N THR C 847 10.27 10.75 -46.80
CA THR C 847 9.17 11.17 -47.66
C THR C 847 8.26 12.18 -47.00
N MET C 848 7.87 11.93 -45.74
CA MET C 848 6.87 12.79 -45.10
C MET C 848 7.37 14.21 -44.86
N THR C 849 8.62 14.35 -44.40
CA THR C 849 9.17 15.68 -44.16
C THR C 849 9.34 16.45 -45.46
N ALA C 850 9.75 15.76 -46.53
CA ALA C 850 9.82 16.39 -47.84
C ALA C 850 8.43 16.84 -48.29
N THR C 851 7.39 16.09 -47.90
CA THR C 851 6.02 16.48 -48.22
C THR C 851 5.65 17.79 -47.54
N PHE C 852 6.04 17.96 -46.27
CA PHE C 852 5.67 19.16 -45.53
C PHE C 852 6.41 20.41 -46.00
N LEU C 853 7.46 20.25 -46.78
CA LEU C 853 8.24 21.40 -47.21
C LEU C 853 7.42 22.29 -48.15
N PRO C 854 7.59 23.60 -48.09
CA PRO C 854 6.93 24.48 -49.06
C PRO C 854 7.55 24.35 -50.45
N GLU C 855 6.76 24.70 -51.45
CA GLU C 855 7.27 24.71 -52.82
C GLU C 855 8.40 25.72 -52.97
N GLY C 856 9.49 25.29 -53.59
CA GLY C 856 10.65 26.13 -53.76
C GLY C 856 11.58 26.21 -52.56
N ALA C 857 11.31 25.46 -51.50
CA ALA C 857 12.13 25.45 -50.31
C ALA C 857 13.13 24.31 -50.35
N THR C 858 14.21 24.45 -49.59
CA THR C 858 15.27 23.45 -49.54
C THR C 858 15.52 23.06 -48.09
N LEU C 859 16.04 21.84 -47.92
CA LEU C 859 16.30 21.28 -46.60
C LEU C 859 17.46 20.30 -46.70
N THR C 860 18.17 20.12 -45.60
CA THR C 860 19.26 19.15 -45.50
C THR C 860 19.29 18.58 -44.09
N VAL C 861 19.46 17.26 -43.98
CA VAL C 861 19.60 16.59 -42.70
C VAL C 861 20.87 15.75 -42.76
N VAL C 862 21.68 15.85 -41.71
CA VAL C 862 22.97 15.15 -41.62
C VAL C 862 22.97 14.29 -40.38
N PRO C 863 22.88 12.97 -40.53
CA PRO C 863 22.99 12.08 -39.38
C PRO C 863 24.43 11.97 -38.90
N PRO C 864 24.66 11.59 -37.65
CA PRO C 864 26.04 11.49 -37.16
C PRO C 864 26.81 10.39 -37.87
N GLU C 865 28.12 10.62 -38.01
CA GLU C 865 28.97 9.65 -38.71
C GLU C 865 29.02 8.32 -37.96
N ASN C 866 29.11 8.37 -36.62
CA ASN C 866 29.20 7.16 -35.83
C ASN C 866 27.93 6.32 -35.87
N ALA C 867 26.81 6.90 -36.28
CA ALA C 867 25.55 6.17 -36.29
C ALA C 867 25.54 5.11 -37.39
N VAL C 868 24.76 4.05 -37.16
CA VAL C 868 24.58 2.97 -38.10
C VAL C 868 23.07 2.73 -38.25
N ALA C 869 22.61 2.63 -39.50
CA ALA C 869 21.20 2.37 -39.76
C ALA C 869 20.81 1.00 -39.25
N ASN C 870 19.65 0.92 -38.60
CA ASN C 870 19.18 -0.32 -37.98
C ASN C 870 18.36 -1.19 -38.93
N ASN C 871 17.88 -0.65 -40.04
CA ASN C 871 17.05 -1.42 -40.95
C ASN C 871 17.05 -0.76 -42.32
N SER C 872 16.38 -1.41 -43.28
CA SER C 872 16.37 -0.92 -44.65
C SER C 872 15.64 0.41 -44.77
N ARG C 873 14.60 0.61 -43.95
CA ARG C 873 13.87 1.87 -43.99
C ARG C 873 14.76 3.05 -43.60
N ALA C 874 15.55 2.88 -42.55
CA ALA C 874 16.37 3.98 -42.05
C ALA C 874 17.58 4.23 -42.95
N ILE C 875 18.06 5.47 -42.92
CA ILE C 875 19.24 5.88 -43.68
C ILE C 875 20.24 6.51 -42.72
N ASP C 876 21.50 6.15 -42.90
CA ASP C 876 22.59 6.61 -42.04
C ASP C 876 23.63 7.37 -42.85
N TYR C 877 23.16 8.27 -43.72
CA TYR C 877 24.05 9.07 -44.54
C TYR C 877 23.38 10.40 -44.83
N VAL C 878 24.19 11.37 -45.27
CA VAL C 878 23.67 12.68 -45.59
C VAL C 878 22.75 12.60 -46.80
N LYS C 879 21.60 13.27 -46.72
CA LYS C 879 20.65 13.31 -47.82
C LYS C 879 20.00 14.68 -47.87
N THR C 880 19.95 15.26 -49.05
CA THR C 880 19.38 16.58 -49.27
C THR C 880 17.96 16.43 -49.80
N TYR C 881 17.01 17.13 -49.18
CA TYR C 881 15.61 17.03 -49.53
C TYR C 881 15.10 18.34 -50.11
N THR C 882 13.97 18.24 -50.82
CA THR C 882 13.36 19.40 -51.44
C THR C 882 11.85 19.23 -51.52
ZN ZN D . 11.52 10.78 -37.52
#